data_7BSW
#
_entry.id   7BSW
#
_cell.length_a   1.00
_cell.length_b   1.00
_cell.length_c   1.00
_cell.angle_alpha   90.00
_cell.angle_beta   90.00
_cell.angle_gamma   90.00
#
_symmetry.space_group_name_H-M   'P 1'
#
loop_
_entity.id
_entity.type
_entity.pdbx_description
1 polymer ATP11C
2 polymer CDC50A
3 non-polymer 'TETRAFLUOROALUMINATE ION'
4 non-polymer 1,2-dioleoyl-sn-glycero-3-phosphoethanolamine
5 non-polymer 2-acetamido-2-deoxy-beta-D-glucopyranose
6 non-polymer alpha-D-mannopyranose
#
loop_
_entity_poly.entity_id
_entity_poly.type
_entity_poly.pdbx_seq_one_letter_code
_entity_poly.pdbx_strand_id
1 'polypeptide(L)'
;RFCAGEEKRVGTRTVFVGNHPVSETEAYIAQRFCDNRIVSSKYTLWNFLPKNLFEQFRRIANFYFLIIFLVQVTVDTPTS
PVTSGLPLFFVITVTAIKQGYEDWLRHRADNEVNKSTVYIIENAKRVRKESEKIKVGDVVEVQADETFPCDLILLSSCTT
DGTCYVTTASLDGESNCKTHYAVRDTIALCTAESIDTLRAAIECEQPQPDLYKFVGRINIYSNSLEAVARSLGPENLLLK
GATLKNTEKIYGVAVYTGMETKMALNYQGKSQKRSAVEKSINAFLIVYLFILLTKAAVCTTLKYVWQSTPYNDEPWYNQK
TQKERETLKVLKMFTDFLSFMVLFNFIIPVSMYVTVEMQKFLGSFFISWDKDFYDEEINEGALVNTSDLNEELGQVDYVF
TDKTGTLTENSMEFIECCIDGHKYKGVTQEVDGLSQTDGTLTYFDKVDKNREELFLRALCLCHTVEIKTNDAVDGATESA
ELTYISSSPDEIALVKGAKRYGFTFLGNRNGYMRVENQRKEIEEYELLHTLNFDAVRRRMSVIVKTQEGDILLFCKGADS
AVFPRVQNHEIELTKVHVERNAMDGYRTLCVAFKEIAPDDYERINRQLIEAKMALQDREEKMEKVFDDIETNMNLIGATA
VEDKLQDQAAETIEALHAAGLKVWVLTGDKMETAKSTCYACRLFQTNTELLELTTKTIEESERKEDRLHELLIEYRKKLL
HEFPKSTRSFKKAWTEHQEYGLIIDGSTLSLILNSSQDSSSNNYKSIFLQICMKCTAVLCCRMAPLQKAQIVRMVKNLKG
SPITLSIGDGANDVSMILESHVGIGIKGKEGRQAARNSDYSVPKFKHLKKLLLAHGHLYYVRIAHLVQYFFYKNLCFILP
QFLYQFFCGFSQQPLYDAAYLTMYNICFTSLPILAYSLLEQHINIDTLTSDPRLYMKISGNAMLQLGPFLYWTFLAAFEG
TVFFFGTYFLFQTASLEENGKVYGNWTFGTIVFTVLVFTVTLKLALDTRFWTWINHFVIWGSLAFYVFFSFFWGGIIWPF
LKQQRMYFVFAQMLSSVSTWLAIILLIFISLFPEILLIVLKNVR
;
A
2 'polypeptide(L)'
;MAMNYNAKDEVDGGPPCAPGGTAKTRRPDNTAFKQQRLPAWQPILTAGTVLPIFFIIGLIFIPIGIGIFVTSNNIREIEI
DYTGTEPSSPCNKCLSPDVTPCFCTINFTLEKSFEGNVFMYYGLSNFYQNHRRYVKSRDDSQLNGDSSALLNPSKECEPY
RRNEDKPIAPCGAIMNSMFNDTLELFLIGQDSYPIPIALKKKGIAWWTDKNVKFRNPPGGDNLEERFKGTTKPVNWLKPV
YMLDSDPDNNGFINEDFIVWMRTAALPTFRKLYRLIERKSDLHPTLPAGRYWLNVTYNYPVHYFDGRKRMILSTISWMGG
KNPFLGIAYIAVGSISFLLGVVLLVINHKYRNSSNTADITI
;
C
#
loop_
_chem_comp.id
_chem_comp.type
_chem_comp.name
_chem_comp.formula
ALF non-polymer 'TETRAFLUOROALUMINATE ION' 'Al F4 -1'
MAN D-saccharide, alpha linking alpha-D-mannopyranose 'C6 H12 O6'
NAG D-saccharide, beta linking 2-acetamido-2-deoxy-beta-D-glucopyranose 'C8 H15 N O6'
PEE non-polymer 1,2-dioleoyl-sn-glycero-3-phosphoethanolamine 'C41 H78 N O8 P'
#
# COMPACT_ATOMS: atom_id res chain seq x y z
N THR A 12 -22.26 -40.71 30.57
CA THR A 12 -20.84 -41.03 30.50
C THR A 12 -20.08 -40.46 31.69
N ARG A 13 -20.54 -39.30 32.18
CA ARG A 13 -19.94 -38.65 33.33
C ARG A 13 -20.81 -38.87 34.55
N THR A 14 -20.19 -39.32 35.64
CA THR A 14 -20.88 -39.60 36.90
C THR A 14 -20.57 -38.49 37.89
N VAL A 15 -21.58 -37.70 38.22
CA VAL A 15 -21.45 -36.62 39.19
C VAL A 15 -22.18 -37.02 40.47
N PHE A 16 -21.61 -36.67 41.61
CA PHE A 16 -22.22 -36.90 42.91
C PHE A 16 -22.90 -35.61 43.36
N VAL A 17 -24.22 -35.66 43.52
CA VAL A 17 -24.99 -34.46 43.86
C VAL A 17 -24.38 -33.80 45.11
N GLY A 18 -24.38 -34.52 46.22
CA GLY A 18 -23.78 -34.01 47.43
C GLY A 18 -22.27 -34.02 47.39
N ASN A 19 -21.72 -34.52 46.28
CA ASN A 19 -20.28 -34.65 46.07
C ASN A 19 -19.64 -35.67 47.00
N HIS A 20 -20.43 -36.35 47.83
CA HIS A 20 -19.91 -37.31 48.81
C HIS A 20 -19.79 -38.68 48.17
N PRO A 21 -18.87 -39.52 48.65
CA PRO A 21 -18.66 -40.82 48.02
C PRO A 21 -19.95 -41.66 47.99
N VAL A 22 -20.06 -42.49 46.97
CA VAL A 22 -21.20 -43.38 46.81
C VAL A 22 -22.52 -42.64 47.01
N GLN A 31 -12.98 -32.36 40.10
CA GLN A 31 -12.05 -33.48 40.00
C GLN A 31 -11.37 -33.47 38.63
N ARG A 32 -12.03 -34.08 37.65
CA ARG A 32 -11.51 -34.16 36.29
C ARG A 32 -12.21 -33.17 35.35
N PHE A 33 -13.01 -32.28 35.92
CA PHE A 33 -13.77 -31.31 35.13
C PHE A 33 -13.48 -29.86 35.50
N CYS A 34 -13.63 -28.95 34.53
CA CYS A 34 -13.39 -27.51 34.72
C CYS A 34 -14.27 -26.86 35.80
N ASP A 35 -13.78 -25.77 36.38
CA ASP A 35 -14.53 -25.07 37.43
C ASP A 35 -14.97 -23.69 36.93
N ASN A 36 -16.09 -23.66 36.22
CA ASN A 36 -16.83 -22.42 35.91
C ASN A 36 -15.95 -21.22 35.66
N ARG A 37 -14.92 -21.35 34.82
CA ARG A 37 -14.05 -20.23 34.47
C ARG A 37 -14.13 -20.00 32.97
N ILE A 38 -15.01 -19.10 32.54
CA ILE A 38 -15.11 -18.73 31.13
C ILE A 38 -13.89 -17.88 30.77
N VAL A 39 -13.13 -18.35 29.79
CA VAL A 39 -11.90 -17.68 29.35
C VAL A 39 -12.04 -17.43 27.85
N SER A 40 -12.49 -16.23 27.48
CA SER A 40 -12.68 -15.87 26.09
C SER A 40 -11.50 -15.11 25.51
N SER A 41 -10.61 -14.58 26.34
CA SER A 41 -9.47 -13.83 25.86
C SER A 41 -8.54 -14.74 25.05
N LYS A 42 -7.55 -14.10 24.42
CA LYS A 42 -6.60 -14.81 23.56
C LYS A 42 -5.16 -14.76 24.07
N TYR A 43 -4.64 -13.57 24.34
CA TYR A 43 -3.26 -13.42 24.78
C TYR A 43 -3.18 -13.39 26.31
N THR A 44 -2.21 -14.12 26.84
CA THR A 44 -1.93 -14.16 28.26
C THR A 44 -1.29 -12.81 28.58
N LEU A 45 -1.49 -12.31 29.79
CA LEU A 45 -0.93 -11.01 30.13
C LEU A 45 0.60 -11.00 30.03
N TRP A 46 1.23 -12.06 30.53
CA TRP A 46 2.69 -12.20 30.48
C TRP A 46 3.33 -12.36 29.09
N ASN A 47 2.70 -13.14 28.21
CA ASN A 47 3.28 -13.39 26.89
C ASN A 47 2.59 -12.68 25.71
N PHE A 48 2.09 -11.48 25.97
CA PHE A 48 1.45 -10.69 24.92
C PHE A 48 2.42 -10.38 23.80
N LEU A 49 3.60 -9.86 24.13
CA LEU A 49 4.58 -9.53 23.08
C LEU A 49 5.08 -10.78 22.38
N PRO A 50 5.73 -11.74 23.06
CA PRO A 50 6.24 -12.92 22.35
C PRO A 50 5.20 -13.60 21.48
N LYS A 51 3.92 -13.29 21.66
CA LYS A 51 2.89 -13.80 20.77
C LYS A 51 2.44 -12.78 19.74
N ASN A 52 2.30 -11.51 20.13
CA ASN A 52 1.84 -10.49 19.18
C ASN A 52 2.87 -10.24 18.10
N LEU A 53 4.14 -10.10 18.47
CA LEU A 53 5.17 -9.88 17.47
C LEU A 53 5.37 -11.07 16.56
N PHE A 54 5.15 -12.30 17.05
CA PHE A 54 5.25 -13.46 16.18
C PHE A 54 4.01 -13.59 15.27
N GLU A 55 2.85 -13.12 15.73
CA GLU A 55 1.67 -13.09 14.90
C GLU A 55 1.73 -11.97 13.86
N GLN A 56 2.52 -10.94 14.11
CA GLN A 56 2.65 -9.83 13.16
C GLN A 56 3.76 -10.09 12.14
N PHE A 57 4.95 -10.47 12.62
CA PHE A 57 6.09 -10.67 11.73
C PHE A 57 6.05 -11.99 10.97
N ARG A 58 4.92 -12.69 10.98
CA ARG A 58 4.75 -13.84 10.10
C ARG A 58 4.25 -13.43 8.71
N ARG A 59 3.59 -12.29 8.59
CA ARG A 59 3.08 -11.85 7.31
C ARG A 59 4.20 -11.69 6.30
N ILE A 60 3.83 -11.54 5.03
CA ILE A 60 4.83 -11.44 3.98
C ILE A 60 5.34 -10.00 3.84
N ALA A 61 4.52 -9.01 4.20
CA ALA A 61 4.94 -7.63 4.07
C ALA A 61 5.73 -7.17 5.29
N ASN A 62 5.18 -7.40 6.49
CA ASN A 62 5.85 -6.97 7.71
C ASN A 62 7.16 -7.70 7.94
N PHE A 63 7.45 -8.74 7.16
CA PHE A 63 8.72 -9.42 7.28
C PHE A 63 9.70 -8.99 6.20
N TYR A 64 9.21 -8.75 4.99
CA TYR A 64 10.07 -8.17 3.95
C TYR A 64 10.56 -6.79 4.38
N PHE A 65 9.70 -6.00 5.04
CA PHE A 65 10.16 -4.71 5.53
C PHE A 65 11.30 -4.86 6.51
N LEU A 66 11.25 -5.86 7.38
CA LEU A 66 12.34 -6.08 8.32
C LEU A 66 13.60 -6.57 7.63
N ILE A 67 13.45 -7.46 6.64
CA ILE A 67 14.62 -7.88 5.87
C ILE A 67 15.30 -6.70 5.21
N ILE A 68 14.54 -5.82 4.56
CA ILE A 68 15.14 -4.67 3.90
C ILE A 68 15.74 -3.71 4.92
N PHE A 69 15.11 -3.54 6.09
CA PHE A 69 15.71 -2.69 7.10
C PHE A 69 17.04 -3.24 7.59
N LEU A 70 17.12 -4.55 7.87
CA LEU A 70 18.38 -5.13 8.29
C LEU A 70 19.44 -5.05 7.21
N VAL A 71 19.04 -5.24 5.94
CA VAL A 71 20.01 -5.13 4.86
C VAL A 71 20.53 -3.71 4.73
N GLN A 72 19.64 -2.72 4.83
CA GLN A 72 20.09 -1.33 4.81
C GLN A 72 21.05 -1.05 5.96
N VAL A 73 20.75 -1.58 7.14
CA VAL A 73 21.60 -1.31 8.30
C VAL A 73 22.93 -2.06 8.23
N THR A 74 23.00 -3.15 7.48
CA THR A 74 24.20 -3.99 7.44
C THR A 74 25.10 -3.71 6.24
N VAL A 75 24.55 -3.67 5.03
CA VAL A 75 25.39 -3.69 3.83
C VAL A 75 25.55 -2.31 3.23
N ASP A 76 24.45 -1.70 2.73
CA ASP A 76 24.52 -0.41 2.02
C ASP A 76 23.18 0.29 1.87
N THR A 77 23.09 1.58 2.18
CA THR A 77 21.83 2.27 2.02
C THR A 77 21.93 3.64 1.35
N PRO A 78 21.26 3.83 0.20
CA PRO A 78 21.28 5.11 -0.50
C PRO A 78 20.67 6.21 0.36
N THR A 79 19.55 5.89 1.02
CA THR A 79 18.88 6.79 1.96
C THR A 79 19.39 6.48 3.36
N SER A 80 18.73 7.07 4.35
CA SER A 80 19.14 6.84 5.75
C SER A 80 18.36 5.63 6.23
N PRO A 81 18.90 4.77 7.12
CA PRO A 81 18.18 3.59 7.61
C PRO A 81 16.89 3.99 8.36
N VAL A 82 16.91 5.12 9.07
CA VAL A 82 15.76 5.62 9.85
C VAL A 82 14.54 5.83 8.92
N THR A 83 14.70 6.37 7.71
CA THR A 83 13.48 6.60 6.89
C THR A 83 12.93 5.29 6.32
N SER A 84 13.57 4.16 6.60
CA SER A 84 13.08 2.86 6.17
C SER A 84 12.68 1.94 7.31
N GLY A 85 13.21 2.18 8.51
CA GLY A 85 12.85 1.37 9.66
C GLY A 85 12.06 2.14 10.69
N LEU A 86 11.83 3.43 10.47
CA LEU A 86 10.96 4.20 11.36
C LEU A 86 9.50 3.92 11.08
N PRO A 87 9.04 3.90 9.83
CA PRO A 87 7.65 3.47 9.58
C PRO A 87 7.38 2.05 10.05
N LEU A 88 8.30 1.11 9.81
CA LEU A 88 8.09 -0.26 10.25
C LEU A 88 7.91 -0.34 11.77
N PHE A 89 8.16 0.75 12.48
CA PHE A 89 7.89 0.76 13.92
C PHE A 89 6.51 1.34 14.22
N PHE A 90 6.12 2.40 13.52
CA PHE A 90 4.80 2.97 13.74
C PHE A 90 3.70 2.01 13.27
N VAL A 91 4.04 1.11 12.35
CA VAL A 91 3.05 0.12 11.89
C VAL A 91 3.01 -1.09 12.82
N ILE A 92 4.08 -1.39 13.54
CA ILE A 92 4.07 -2.53 14.45
C ILE A 92 3.60 -2.12 15.83
N THR A 93 3.81 -0.85 16.19
CA THR A 93 3.38 -0.39 17.51
C THR A 93 1.92 0.02 17.52
N VAL A 94 1.34 0.29 16.36
CA VAL A 94 -0.06 0.71 16.32
C VAL A 94 -1.00 -0.48 16.20
N THR A 95 -0.75 -1.39 15.26
CA THR A 95 -1.52 -2.62 15.20
C THR A 95 -1.43 -3.42 16.49
N ALA A 96 -0.24 -3.50 17.09
CA ALA A 96 -0.09 -4.20 18.36
C ALA A 96 -0.89 -3.54 19.48
N ILE A 97 -0.94 -2.22 19.52
CA ILE A 97 -1.75 -1.54 20.53
C ILE A 97 -3.23 -1.77 20.30
N LYS A 98 -3.66 -1.69 19.04
CA LYS A 98 -5.05 -2.02 18.71
C LYS A 98 -5.41 -3.40 19.24
N GLN A 99 -4.60 -4.42 18.89
CA GLN A 99 -4.94 -5.78 19.31
C GLN A 99 -4.87 -5.93 20.82
N GLY A 100 -3.86 -5.35 21.48
CA GLY A 100 -3.82 -5.37 22.92
C GLY A 100 -5.05 -4.78 23.56
N TYR A 101 -5.58 -3.69 23.01
CA TYR A 101 -6.76 -3.08 23.60
C TYR A 101 -8.03 -3.90 23.33
N GLU A 102 -8.23 -4.36 22.09
CA GLU A 102 -9.40 -5.20 21.84
C GLU A 102 -9.29 -6.56 22.52
N ASP A 103 -8.14 -6.89 23.11
CA ASP A 103 -8.04 -8.08 23.95
C ASP A 103 -8.26 -7.76 25.42
N TRP A 104 -7.72 -6.63 25.89
CA TRP A 104 -7.97 -6.20 27.27
C TRP A 104 -9.45 -5.92 27.50
N LEU A 105 -10.16 -5.46 26.47
CA LEU A 105 -11.61 -5.29 26.59
C LEU A 105 -12.29 -6.60 26.95
N ARG A 106 -11.99 -7.70 26.24
CA ARG A 106 -12.59 -8.97 26.56
C ARG A 106 -12.08 -9.53 27.89
N HIS A 107 -10.83 -9.24 28.24
CA HIS A 107 -10.35 -9.60 29.57
C HIS A 107 -11.21 -8.97 30.65
N ARG A 108 -11.43 -7.65 30.56
CA ARG A 108 -12.19 -6.95 31.58
C ARG A 108 -13.68 -7.26 31.52
N ALA A 109 -14.17 -7.69 30.37
CA ALA A 109 -15.57 -8.10 30.28
C ALA A 109 -15.81 -9.51 30.79
N ASP A 110 -14.79 -10.37 30.73
CA ASP A 110 -14.91 -11.69 31.35
C ASP A 110 -14.63 -11.62 32.84
N ASN A 111 -13.84 -10.64 33.28
CA ASN A 111 -13.63 -10.44 34.71
C ASN A 111 -14.94 -10.09 35.41
N GLU A 112 -15.84 -9.38 34.72
CA GLU A 112 -17.13 -9.03 35.29
C GLU A 112 -18.15 -10.18 35.19
N VAL A 113 -17.87 -11.20 34.40
CA VAL A 113 -18.73 -12.39 34.38
C VAL A 113 -18.26 -13.41 35.41
N ASN A 114 -16.95 -13.54 35.59
CA ASN A 114 -16.41 -14.31 36.70
C ASN A 114 -16.28 -13.40 37.93
N LYS A 115 -15.71 -13.93 39.00
CA LYS A 115 -15.53 -13.20 40.25
C LYS A 115 -16.82 -12.52 40.71
N SER A 116 -17.97 -13.06 40.33
CA SER A 116 -19.25 -12.54 40.76
C SER A 116 -19.72 -13.30 42.01
N THR A 117 -20.91 -12.93 42.49
CA THR A 117 -21.47 -13.54 43.68
C THR A 117 -22.42 -14.66 43.29
N VAL A 118 -22.18 -15.85 43.83
CA VAL A 118 -23.04 -17.01 43.61
C VAL A 118 -23.05 -17.82 44.90
N TYR A 119 -24.21 -17.90 45.55
CA TYR A 119 -24.32 -18.58 46.83
C TYR A 119 -24.34 -20.09 46.62
N ILE A 120 -23.73 -20.81 47.57
CA ILE A 120 -23.64 -22.26 47.50
C ILE A 120 -23.82 -22.83 48.90
N ILE A 121 -24.36 -24.04 48.96
CA ILE A 121 -24.55 -24.74 50.23
C ILE A 121 -23.29 -25.57 50.46
N GLU A 122 -22.30 -24.95 51.10
CA GLU A 122 -21.01 -25.59 51.27
C GLU A 122 -21.08 -26.72 52.30
N ASN A 123 -21.41 -26.39 53.54
CA ASN A 123 -21.53 -27.39 54.62
C ASN A 123 -22.69 -26.97 55.52
N ALA A 124 -23.88 -27.48 55.22
CA ALA A 124 -25.07 -27.22 56.02
C ALA A 124 -25.37 -25.74 56.18
N LYS A 125 -24.77 -24.90 55.34
CA LYS A 125 -24.99 -23.46 55.43
C LYS A 125 -24.78 -22.85 54.05
N ARG A 126 -25.24 -21.61 53.90
CA ARG A 126 -25.25 -20.92 52.61
C ARG A 126 -24.00 -20.05 52.50
N VAL A 127 -22.91 -20.65 52.01
CA VAL A 127 -21.71 -19.88 51.70
C VAL A 127 -21.90 -19.15 50.38
N ARG A 128 -21.17 -18.04 50.22
CA ARG A 128 -21.25 -17.22 49.01
C ARG A 128 -19.85 -17.09 48.43
N LYS A 129 -19.58 -17.84 47.36
CA LYS A 129 -18.31 -17.82 46.67
C LYS A 129 -18.43 -17.01 45.39
N GLU A 130 -17.38 -17.02 44.58
CA GLU A 130 -17.35 -16.34 43.29
C GLU A 130 -17.64 -17.34 42.18
N SER A 131 -18.40 -16.88 41.18
CA SER A 131 -18.93 -17.76 40.16
C SER A 131 -17.84 -18.65 39.57
N GLU A 132 -16.60 -18.16 39.50
CA GLU A 132 -15.53 -18.95 38.91
C GLU A 132 -14.95 -19.98 39.88
N LYS A 133 -15.51 -20.12 41.08
CA LYS A 133 -15.02 -21.08 42.06
C LYS A 133 -16.01 -22.21 42.30
N ILE A 134 -17.03 -22.33 41.46
CA ILE A 134 -18.01 -23.41 41.59
C ILE A 134 -17.51 -24.66 40.87
N LYS A 135 -17.53 -25.78 41.58
CA LYS A 135 -17.04 -27.05 41.05
C LYS A 135 -18.21 -27.96 40.75
N VAL A 136 -17.98 -28.93 39.85
CA VAL A 136 -19.03 -29.87 39.49
C VAL A 136 -19.50 -30.62 40.72
N GLY A 137 -20.81 -30.67 40.90
CA GLY A 137 -21.39 -31.47 41.97
C GLY A 137 -21.52 -30.78 43.31
N ASP A 138 -22.24 -29.66 43.34
CA ASP A 138 -22.55 -28.98 44.60
C ASP A 138 -23.82 -28.18 44.42
N VAL A 139 -24.71 -28.23 45.42
CA VAL A 139 -26.03 -27.64 45.29
C VAL A 139 -25.89 -26.12 45.25
N VAL A 140 -26.07 -25.54 44.08
CA VAL A 140 -26.10 -24.09 43.91
C VAL A 140 -27.45 -23.56 44.34
N GLU A 141 -27.55 -22.25 44.48
CA GLU A 141 -28.80 -21.56 44.77
C GLU A 141 -28.89 -20.33 43.89
N VAL A 142 -30.12 -19.94 43.55
CA VAL A 142 -30.37 -18.80 42.67
C VAL A 142 -31.64 -18.10 43.12
N GLN A 143 -31.56 -16.78 43.26
CA GLN A 143 -32.72 -15.97 43.61
C GLN A 143 -33.45 -15.53 42.33
N ALA A 144 -34.59 -14.90 42.51
CA ALA A 144 -35.38 -14.44 41.36
C ALA A 144 -34.59 -13.42 40.56
N ASP A 145 -34.70 -13.57 39.23
CA ASP A 145 -34.08 -12.68 38.19
C ASP A 145 -32.55 -12.69 38.28
N GLU A 146 -31.94 -13.87 38.28
CA GLU A 146 -30.45 -13.98 38.33
C GLU A 146 -29.96 -14.90 37.20
N THR A 147 -28.99 -14.43 36.40
CA THR A 147 -28.41 -15.27 35.32
C THR A 147 -27.82 -16.52 36.00
N PHE A 148 -28.06 -17.71 35.46
CA PHE A 148 -27.57 -18.89 36.18
C PHE A 148 -26.05 -18.91 36.20
N PRO A 149 -25.46 -19.38 37.31
CA PRO A 149 -24.00 -19.45 37.38
C PRO A 149 -23.40 -20.60 36.59
N CYS A 150 -24.19 -21.62 36.25
CA CYS A 150 -23.70 -22.78 35.52
C CYS A 150 -24.89 -23.64 35.16
N ASP A 151 -24.63 -24.73 34.43
CA ASP A 151 -25.69 -25.62 33.97
C ASP A 151 -26.16 -26.46 35.15
N LEU A 152 -27.15 -25.95 35.88
CA LEU A 152 -27.70 -26.67 37.03
C LEU A 152 -28.58 -27.82 36.57
N ILE A 153 -29.14 -28.54 37.54
CA ILE A 153 -30.14 -29.56 37.31
C ILE A 153 -31.24 -29.36 38.35
N LEU A 154 -32.34 -28.72 37.95
CA LEU A 154 -33.38 -28.32 38.88
C LEU A 154 -33.73 -29.47 39.81
N LEU A 155 -33.47 -29.27 41.11
CA LEU A 155 -33.63 -30.32 42.10
C LEU A 155 -34.83 -30.12 43.01
N SER A 156 -35.23 -28.88 43.25
CA SER A 156 -36.35 -28.60 44.15
C SER A 156 -36.74 -27.13 43.98
N SER A 157 -37.69 -26.70 44.81
CA SER A 157 -38.15 -25.32 44.82
C SER A 157 -39.01 -25.09 46.04
N CYS A 158 -38.95 -23.87 46.58
CA CYS A 158 -39.73 -23.53 47.76
C CYS A 158 -41.18 -23.97 47.60
N THR A 159 -41.77 -23.73 46.43
CA THR A 159 -43.12 -24.16 46.16
C THR A 159 -43.13 -25.60 45.66
N THR A 160 -44.29 -26.25 45.80
CA THR A 160 -44.46 -27.60 45.31
C THR A 160 -44.63 -27.59 43.80
N ASP A 161 -44.93 -28.74 43.22
CA ASP A 161 -45.11 -28.97 41.79
C ASP A 161 -43.79 -28.97 41.03
N GLY A 162 -42.66 -28.69 41.70
CA GLY A 162 -41.36 -28.70 41.07
C GLY A 162 -41.30 -27.99 39.72
N THR A 163 -41.86 -26.79 39.64
CA THR A 163 -41.86 -26.01 38.41
C THR A 163 -41.00 -24.76 38.58
N CYS A 164 -40.61 -24.19 37.44
CA CYS A 164 -39.82 -22.97 37.40
C CYS A 164 -40.05 -22.29 36.07
N TYR A 165 -40.05 -20.96 36.07
CA TYR A 165 -40.34 -20.16 34.89
C TYR A 165 -39.06 -19.47 34.43
N VAL A 166 -38.29 -20.17 33.58
CA VAL A 166 -37.07 -19.63 33.02
C VAL A 166 -37.38 -19.00 31.67
N THR A 167 -36.70 -17.89 31.39
CA THR A 167 -36.85 -17.17 30.13
C THR A 167 -35.48 -17.03 29.48
N THR A 168 -35.22 -17.88 28.48
CA THR A 168 -33.91 -17.93 27.83
C THR A 168 -33.80 -16.80 26.80
N ALA A 169 -33.51 -15.61 27.32
CA ALA A 169 -33.27 -14.46 26.45
C ALA A 169 -31.85 -14.41 25.91
N SER A 170 -30.91 -15.11 26.55
CA SER A 170 -29.51 -15.09 26.16
C SER A 170 -29.06 -16.35 25.43
N LEU A 171 -30.00 -17.23 25.12
CA LEU A 171 -29.65 -18.45 24.33
C LEU A 171 -30.42 -18.39 23.01
N ASP A 172 -31.69 -18.79 23.01
CA ASP A 172 -32.52 -18.73 21.78
C ASP A 172 -32.70 -17.27 21.36
N GLY A 173 -32.92 -16.38 22.32
CA GLY A 173 -33.15 -14.94 22.06
C GLY A 173 -34.61 -14.56 22.19
N GLU A 174 -35.52 -15.53 22.27
CA GLU A 174 -36.97 -15.23 22.49
C GLU A 174 -37.17 -14.95 23.99
N SER A 175 -38.24 -14.25 24.38
CA SER A 175 -38.42 -13.92 25.81
C SER A 175 -39.66 -14.61 26.41
N ASN A 176 -40.18 -15.66 25.76
CA ASN A 176 -41.37 -16.32 26.27
C ASN A 176 -41.01 -17.26 27.41
N CYS A 177 -41.87 -17.29 28.42
CA CYS A 177 -41.57 -17.96 29.68
C CYS A 177 -41.62 -19.48 29.49
N LYS A 178 -40.45 -20.11 29.38
CA LYS A 178 -40.39 -21.56 29.44
C LYS A 178 -40.68 -22.03 30.87
N THR A 179 -40.81 -23.35 31.02
CA THR A 179 -41.07 -23.94 32.32
C THR A 179 -40.36 -25.28 32.41
N HIS A 180 -39.41 -25.38 33.35
CA HIS A 180 -38.70 -26.62 33.61
C HIS A 180 -39.15 -27.20 34.94
N TYR A 181 -39.22 -28.52 35.00
CA TYR A 181 -39.71 -29.23 36.17
C TYR A 181 -38.53 -29.77 36.95
N ALA A 182 -38.54 -29.54 38.26
CA ALA A 182 -37.51 -30.09 39.13
C ALA A 182 -37.67 -31.60 39.25
N VAL A 183 -36.66 -32.23 39.88
CA VAL A 183 -36.76 -33.66 40.15
C VAL A 183 -37.95 -33.92 41.04
N ARG A 184 -38.70 -34.98 40.73
CA ARG A 184 -39.96 -35.22 41.42
C ARG A 184 -39.74 -35.59 42.88
N ASP A 185 -39.00 -36.67 43.13
CA ASP A 185 -38.89 -37.21 44.48
C ASP A 185 -38.14 -36.28 45.43
N THR A 186 -37.55 -35.20 44.93
CA THR A 186 -36.71 -34.33 45.75
C THR A 186 -37.34 -32.98 46.04
N ILE A 187 -38.63 -32.79 45.75
CA ILE A 187 -39.27 -31.51 45.99
C ILE A 187 -39.37 -31.15 47.46
N ALA A 188 -39.15 -32.12 48.36
CA ALA A 188 -39.29 -31.85 49.79
C ALA A 188 -38.11 -31.08 50.36
N LEU A 189 -36.96 -31.14 49.71
CA LEU A 189 -35.75 -30.50 50.22
C LEU A 189 -35.80 -29.01 49.88
N CYS A 190 -36.09 -28.18 50.89
CA CYS A 190 -36.09 -26.72 50.75
C CYS A 190 -35.40 -26.15 51.98
N THR A 191 -34.08 -26.10 51.94
CA THR A 191 -33.24 -25.63 53.04
C THR A 191 -33.26 -26.59 54.24
N ALA A 192 -34.04 -27.66 54.16
CA ALA A 192 -34.23 -28.60 55.27
C ALA A 192 -33.26 -29.76 55.06
N GLU A 193 -32.10 -29.68 55.72
CA GLU A 193 -31.12 -30.76 55.71
C GLU A 193 -30.75 -31.19 54.29
N SER A 194 -30.73 -30.25 53.35
CA SER A 194 -30.26 -30.56 52.01
C SER A 194 -28.82 -31.07 52.02
N ILE A 195 -28.13 -30.97 53.15
CA ILE A 195 -26.76 -31.43 53.29
C ILE A 195 -26.77 -32.74 54.05
N ASP A 196 -27.90 -33.44 54.02
CA ASP A 196 -28.06 -34.67 54.80
C ASP A 196 -27.42 -35.86 54.10
N THR A 197 -26.14 -35.71 53.73
CA THR A 197 -25.47 -36.74 52.94
C THR A 197 -26.36 -37.19 51.79
N LEU A 198 -27.06 -36.24 51.18
CA LEU A 198 -28.07 -36.53 50.18
C LEU A 198 -27.55 -37.51 49.14
N ARG A 199 -28.14 -38.71 49.11
CA ARG A 199 -27.72 -39.74 48.18
C ARG A 199 -28.20 -39.37 46.78
N ALA A 200 -27.28 -39.33 45.82
CA ALA A 200 -27.62 -39.03 44.44
C ALA A 200 -26.39 -39.21 43.57
N ALA A 201 -26.64 -39.54 42.31
CA ALA A 201 -25.56 -39.70 41.33
C ALA A 201 -26.16 -39.51 39.95
N ILE A 202 -25.86 -38.39 39.31
CA ILE A 202 -26.40 -38.07 38.00
C ILE A 202 -25.40 -38.57 36.96
N GLU A 203 -25.81 -39.57 36.18
CA GLU A 203 -25.01 -40.07 35.08
C GLU A 203 -25.51 -39.42 33.80
N CYS A 204 -24.81 -38.38 33.36
CA CYS A 204 -25.20 -37.60 32.19
C CYS A 204 -24.36 -38.04 30.99
N GLU A 205 -24.56 -37.34 29.88
CA GLU A 205 -23.78 -37.57 28.68
C GLU A 205 -22.78 -36.44 28.48
N GLN A 206 -21.72 -36.74 27.74
CA GLN A 206 -20.67 -35.76 27.52
C GLN A 206 -21.26 -34.45 27.02
N PRO A 207 -20.66 -33.32 27.38
CA PRO A 207 -21.24 -32.02 26.99
C PRO A 207 -21.38 -31.91 25.49
N GLN A 208 -22.51 -31.36 25.06
CA GLN A 208 -22.83 -31.20 23.65
C GLN A 208 -23.49 -29.85 23.42
N PRO A 209 -23.34 -29.28 22.23
CA PRO A 209 -23.95 -27.98 21.91
C PRO A 209 -25.37 -28.05 21.40
N ASP A 210 -26.08 -29.17 21.59
CA ASP A 210 -27.40 -29.31 20.98
C ASP A 210 -28.41 -28.35 21.59
N LEU A 211 -28.34 -28.15 22.90
CA LEU A 211 -29.17 -27.14 23.57
C LEU A 211 -30.62 -27.58 23.71
N TYR A 212 -30.98 -28.74 23.13
CA TYR A 212 -32.32 -29.27 23.26
C TYR A 212 -32.38 -30.75 23.58
N LYS A 213 -31.25 -31.45 23.59
CA LYS A 213 -31.21 -32.87 23.90
C LYS A 213 -30.28 -33.09 25.09
N PHE A 214 -30.78 -33.80 26.10
CA PHE A 214 -29.99 -34.10 27.28
C PHE A 214 -30.60 -35.32 27.95
N VAL A 215 -29.88 -36.44 27.94
CA VAL A 215 -30.37 -37.70 28.47
C VAL A 215 -29.50 -38.09 29.65
N GLY A 216 -30.11 -38.13 30.84
CA GLY A 216 -29.40 -38.52 32.04
C GLY A 216 -30.20 -39.46 32.91
N ARG A 217 -29.85 -39.54 34.18
CA ARG A 217 -30.56 -40.42 35.10
C ARG A 217 -30.15 -40.08 36.52
N ILE A 218 -31.09 -40.24 37.45
CA ILE A 218 -30.82 -40.03 38.87
C ILE A 218 -30.93 -41.36 39.58
N ASN A 219 -30.10 -41.54 40.61
CA ASN A 219 -30.03 -42.77 41.38
C ASN A 219 -30.06 -42.47 42.87
N ILE A 220 -30.98 -41.60 43.27
CA ILE A 220 -31.14 -41.21 44.67
C ILE A 220 -31.26 -42.46 45.53
N TYR A 221 -30.42 -42.55 46.56
CA TYR A 221 -30.46 -43.65 47.50
C TYR A 221 -31.14 -43.19 48.80
N SER A 222 -31.95 -44.08 49.35
CA SER A 222 -32.76 -43.80 50.52
C SER A 222 -31.96 -44.09 51.79
N ASN A 223 -32.68 -44.12 52.92
CA ASN A 223 -32.04 -44.34 54.21
C ASN A 223 -31.03 -45.49 54.14
N SER A 224 -31.47 -46.67 53.74
CA SER A 224 -30.57 -47.81 53.59
C SER A 224 -30.03 -47.90 52.16
N LEU A 225 -30.91 -48.05 51.18
CA LEU A 225 -30.52 -48.08 49.78
C LEU A 225 -31.74 -47.99 48.88
N GLU A 226 -31.69 -47.11 47.88
CA GLU A 226 -32.80 -46.90 46.97
C GLU A 226 -32.38 -47.29 45.55
N ALA A 227 -33.38 -47.63 44.74
CA ALA A 227 -33.14 -47.93 43.33
C ALA A 227 -33.95 -47.01 42.41
N VAL A 228 -34.46 -45.90 42.94
CA VAL A 228 -35.21 -44.96 42.11
C VAL A 228 -34.29 -44.42 41.03
N ALA A 229 -34.71 -44.56 39.76
CA ALA A 229 -33.96 -44.06 38.62
C ALA A 229 -34.89 -43.19 37.79
N ARG A 230 -34.98 -41.91 38.13
CA ARG A 230 -35.79 -40.95 37.39
C ARG A 230 -34.97 -40.40 36.23
N SER A 231 -35.20 -40.94 35.04
CA SER A 231 -34.48 -40.47 33.87
C SER A 231 -34.77 -38.99 33.64
N LEU A 232 -33.75 -38.27 33.17
CA LEU A 232 -33.81 -36.84 32.97
C LEU A 232 -34.02 -36.51 31.49
N GLY A 233 -34.34 -35.26 31.22
CA GLY A 233 -34.51 -34.80 29.86
C GLY A 233 -34.14 -33.33 29.73
N PRO A 234 -34.55 -32.72 28.62
CA PRO A 234 -34.29 -31.28 28.45
C PRO A 234 -35.15 -30.45 29.37
N GLU A 235 -36.21 -31.06 29.93
CA GLU A 235 -37.12 -30.36 30.83
C GLU A 235 -36.52 -30.08 32.20
N ASN A 236 -35.51 -30.84 32.61
CA ASN A 236 -34.87 -30.64 33.91
C ASN A 236 -33.59 -29.84 33.82
N LEU A 237 -33.14 -29.51 32.61
CA LEU A 237 -31.85 -28.86 32.43
C LEU A 237 -32.03 -27.35 32.46
N LEU A 238 -31.23 -26.67 33.29
CA LEU A 238 -31.28 -25.21 33.39
C LEU A 238 -29.95 -24.66 32.90
N LEU A 239 -29.90 -24.27 31.62
CA LEU A 239 -28.67 -23.78 31.03
C LEU A 239 -28.21 -22.49 31.71
N LYS A 240 -26.99 -22.08 31.39
CA LYS A 240 -26.43 -20.84 31.91
C LYS A 240 -26.78 -19.67 31.00
N GLY A 241 -27.16 -18.55 31.60
CA GLY A 241 -27.57 -17.40 30.84
C GLY A 241 -29.06 -17.26 30.66
N ALA A 242 -29.84 -18.06 31.37
CA ALA A 242 -31.30 -18.04 31.29
C ALA A 242 -31.84 -17.49 32.60
N THR A 243 -32.25 -16.22 32.58
CA THR A 243 -32.77 -15.60 33.79
C THR A 243 -33.98 -16.37 34.32
N LEU A 244 -34.14 -16.37 35.63
CA LEU A 244 -35.25 -17.04 36.28
C LEU A 244 -36.34 -16.04 36.63
N LYS A 245 -37.58 -16.38 36.27
CA LYS A 245 -38.73 -15.49 36.49
C LYS A 245 -39.74 -16.17 37.39
N ASN A 246 -40.50 -15.35 38.11
CA ASN A 246 -41.62 -15.81 38.93
C ASN A 246 -41.23 -17.00 39.82
N THR A 247 -40.29 -16.78 40.73
CA THR A 247 -39.88 -17.81 41.68
C THR A 247 -39.01 -17.17 42.75
N GLU A 248 -39.08 -17.69 43.97
CA GLU A 248 -38.28 -17.15 45.06
C GLU A 248 -36.86 -17.71 45.04
N LYS A 249 -36.74 -19.04 45.02
CA LYS A 249 -35.43 -19.67 45.07
C LYS A 249 -35.54 -21.08 44.50
N ILE A 250 -34.41 -21.58 44.01
CA ILE A 250 -34.32 -22.90 43.38
C ILE A 250 -33.10 -23.62 43.95
N TYR A 251 -32.85 -24.82 43.42
CA TYR A 251 -31.73 -25.64 43.86
C TYR A 251 -31.29 -26.54 42.72
N GLY A 252 -30.06 -26.36 42.25
CA GLY A 252 -29.54 -27.19 41.18
C GLY A 252 -28.25 -27.88 41.55
N VAL A 253 -27.69 -28.65 40.62
CA VAL A 253 -26.42 -29.33 40.82
C VAL A 253 -25.63 -29.19 39.52
N ALA A 254 -24.65 -28.29 39.51
CA ALA A 254 -23.86 -28.02 38.32
C ALA A 254 -23.36 -29.32 37.70
N VAL A 255 -23.78 -29.59 36.47
CA VAL A 255 -23.32 -30.74 35.71
C VAL A 255 -22.27 -30.36 34.68
N TYR A 256 -22.50 -29.26 33.96
CA TYR A 256 -21.49 -28.66 33.09
C TYR A 256 -21.16 -27.29 33.68
N THR A 257 -19.88 -26.94 33.71
CA THR A 257 -19.43 -25.70 34.33
C THR A 257 -18.05 -25.33 33.80
N GLY A 258 -18.01 -24.33 32.90
CA GLY A 258 -16.76 -23.77 32.44
C GLY A 258 -16.27 -24.39 31.15
N MET A 259 -16.36 -23.65 30.05
CA MET A 259 -15.85 -24.11 28.77
C MET A 259 -16.53 -25.40 28.32
N GLU A 260 -17.50 -25.88 29.09
CA GLU A 260 -18.26 -27.06 28.76
C GLU A 260 -19.77 -26.86 28.86
N THR A 261 -20.23 -25.86 29.59
CA THR A 261 -21.65 -25.54 29.63
C THR A 261 -22.19 -25.32 28.22
N LYS A 262 -23.50 -25.43 28.07
CA LYS A 262 -24.11 -25.34 26.75
C LYS A 262 -24.20 -23.91 26.26
N MET A 263 -23.85 -22.92 27.09
CA MET A 263 -23.77 -21.55 26.60
C MET A 263 -22.36 -21.18 26.19
N ALA A 264 -21.35 -21.78 26.80
CA ALA A 264 -19.96 -21.56 26.43
C ALA A 264 -19.47 -22.56 25.39
N LEU A 265 -20.26 -23.58 25.08
CA LEU A 265 -19.93 -24.46 23.97
C LEU A 265 -20.30 -23.85 22.62
N ASN A 266 -21.31 -22.98 22.59
CA ASN A 266 -21.72 -22.31 21.35
C ASN A 266 -21.10 -20.92 21.24
N TYR A 267 -19.77 -20.84 21.31
CA TYR A 267 -19.07 -19.58 21.11
C TYR A 267 -18.15 -19.61 19.89
N GLN A 268 -17.34 -20.70 19.83
CA GLN A 268 -16.37 -21.06 18.77
C GLN A 268 -15.13 -20.16 18.76
N GLY A 269 -15.19 -19.03 19.46
CA GLY A 269 -14.06 -18.07 19.55
C GLY A 269 -14.11 -17.03 18.45
N LYS A 270 -13.20 -16.04 18.49
CA LYS A 270 -13.20 -14.97 17.47
C LYS A 270 -11.98 -15.11 16.55
N SER A 271 -12.23 -15.19 15.25
CA SER A 271 -11.14 -15.29 14.24
C SER A 271 -10.60 -13.88 13.93
N GLN A 272 -9.43 -13.80 13.28
CA GLN A 272 -8.87 -12.48 12.90
C GLN A 272 -9.51 -12.07 11.56
N LYS A 273 -10.26 -10.97 11.56
CA LYS A 273 -10.96 -10.48 10.38
C LYS A 273 -10.02 -9.62 9.55
N ARG A 274 -9.84 -10.00 8.28
CA ARG A 274 -9.07 -9.23 7.32
C ARG A 274 -9.97 -8.80 6.18
N SER A 275 -9.85 -7.53 5.77
CA SER A 275 -10.77 -6.97 4.80
C SER A 275 -10.66 -7.67 3.45
N ALA A 276 -11.54 -7.29 2.54
CA ALA A 276 -11.46 -7.81 1.17
C ALA A 276 -10.35 -7.12 0.39
N VAL A 277 -9.82 -6.01 0.92
CA VAL A 277 -8.73 -5.30 0.26
C VAL A 277 -7.38 -5.78 0.77
N GLU A 278 -7.26 -6.02 2.08
CA GLU A 278 -5.98 -6.42 2.66
C GLU A 278 -5.50 -7.76 2.13
N LYS A 279 -6.25 -8.42 1.26
CA LYS A 279 -5.74 -9.58 0.54
C LYS A 279 -5.25 -9.21 -0.85
N SER A 280 -5.88 -8.23 -1.50
CA SER A 280 -5.38 -7.77 -2.80
C SER A 280 -4.11 -6.96 -2.63
N ILE A 281 -4.00 -6.20 -1.55
CA ILE A 281 -2.72 -5.56 -1.24
C ILE A 281 -1.63 -6.60 -1.06
N ASN A 282 -1.96 -7.72 -0.44
CA ASN A 282 -0.95 -8.76 -0.24
C ASN A 282 -0.58 -9.45 -1.55
N ALA A 283 -1.54 -9.66 -2.45
CA ALA A 283 -1.21 -10.20 -3.76
C ALA A 283 -0.35 -9.22 -4.57
N PHE A 284 -0.69 -7.93 -4.50
CA PHE A 284 0.14 -6.92 -5.16
C PHE A 284 1.56 -6.92 -4.61
N LEU A 285 1.70 -7.03 -3.29
CA LEU A 285 3.04 -7.06 -2.71
C LEU A 285 3.80 -8.32 -3.09
N ILE A 286 3.12 -9.46 -3.17
CA ILE A 286 3.81 -10.69 -3.56
C ILE A 286 4.13 -10.71 -5.04
N VAL A 287 3.48 -9.88 -5.85
CA VAL A 287 3.89 -9.77 -7.25
C VAL A 287 5.03 -8.77 -7.40
N TYR A 288 5.00 -7.68 -6.63
CA TYR A 288 6.11 -6.75 -6.67
C TYR A 288 7.38 -7.29 -6.02
N LEU A 289 7.26 -8.25 -5.11
CA LEU A 289 8.45 -8.95 -4.64
C LEU A 289 9.15 -9.68 -5.78
N PHE A 290 8.39 -10.37 -6.63
CA PHE A 290 8.96 -11.00 -7.80
C PHE A 290 9.50 -10.01 -8.82
N ILE A 291 8.81 -8.87 -9.02
CA ILE A 291 9.34 -7.87 -9.93
C ILE A 291 10.66 -7.31 -9.41
N LEU A 292 10.74 -7.01 -8.11
CA LEU A 292 11.98 -6.52 -7.52
C LEU A 292 13.11 -7.55 -7.61
N LEU A 293 12.81 -8.81 -7.33
CA LEU A 293 13.84 -9.84 -7.46
C LEU A 293 14.31 -10.03 -8.89
N THR A 294 13.40 -9.99 -9.86
CA THR A 294 13.80 -10.04 -11.26
C THR A 294 14.70 -8.86 -11.61
N LYS A 295 14.31 -7.64 -11.22
CA LYS A 295 15.15 -6.48 -11.49
C LYS A 295 16.55 -6.67 -10.91
N ALA A 296 16.64 -7.04 -9.63
CA ALA A 296 17.93 -7.18 -8.98
C ALA A 296 18.79 -8.26 -9.63
N ALA A 297 18.23 -9.45 -9.85
CA ALA A 297 18.98 -10.54 -10.45
C ALA A 297 19.43 -10.22 -11.87
N VAL A 298 18.56 -9.65 -12.71
CA VAL A 298 18.96 -9.32 -14.07
C VAL A 298 20.04 -8.25 -14.07
N CYS A 299 19.90 -7.23 -13.22
CA CYS A 299 20.95 -6.21 -13.15
C CYS A 299 22.28 -6.79 -12.70
N THR A 300 22.29 -7.66 -11.69
CA THR A 300 23.56 -8.25 -11.26
C THR A 300 24.17 -9.12 -12.35
N THR A 301 23.35 -10.00 -12.97
CA THR A 301 23.86 -10.85 -14.04
C THR A 301 24.46 -10.01 -15.16
N LEU A 302 23.77 -8.96 -15.59
CA LEU A 302 24.33 -8.12 -16.64
C LEU A 302 25.55 -7.34 -16.15
N LYS A 303 25.65 -7.09 -14.84
CA LYS A 303 26.82 -6.40 -14.32
C LYS A 303 28.07 -7.28 -14.36
N TYR A 304 27.94 -8.55 -14.01
CA TYR A 304 29.10 -9.44 -14.03
C TYR A 304 29.36 -10.05 -15.40
N VAL A 305 28.41 -9.96 -16.32
CA VAL A 305 28.72 -10.25 -17.72
C VAL A 305 29.38 -9.04 -18.38
N TRP A 306 29.16 -7.85 -17.84
CA TRP A 306 29.78 -6.64 -18.36
C TRP A 306 31.19 -6.45 -17.81
N GLN A 307 31.39 -6.74 -16.52
CA GLN A 307 32.71 -6.61 -15.91
C GLN A 307 33.65 -7.74 -16.28
N SER A 308 33.26 -8.63 -17.18
CA SER A 308 34.16 -9.69 -17.62
C SER A 308 35.21 -9.19 -18.59
N THR A 309 34.96 -8.05 -19.23
CA THR A 309 35.92 -7.43 -20.13
C THR A 309 37.06 -6.85 -19.30
N PRO A 310 38.30 -7.27 -19.54
CA PRO A 310 39.40 -6.86 -18.65
C PRO A 310 39.46 -5.36 -18.38
N TYR A 311 39.12 -4.52 -19.36
CA TYR A 311 39.33 -3.09 -19.24
C TYR A 311 38.06 -2.30 -18.95
N ASN A 312 36.99 -2.94 -18.49
CA ASN A 312 35.81 -2.21 -18.06
C ASN A 312 35.72 -2.06 -16.55
N ASP A 313 36.59 -2.73 -15.79
CA ASP A 313 36.68 -2.55 -14.35
C ASP A 313 38.06 -2.02 -14.03
N GLU A 314 38.11 -0.87 -13.36
CA GLU A 314 39.36 -0.22 -13.02
C GLU A 314 40.15 0.10 -14.28
N PRO A 315 39.65 0.97 -15.15
CA PRO A 315 40.38 1.38 -16.35
C PRO A 315 41.27 2.60 -16.13
N TRP A 316 42.24 2.47 -15.24
CA TRP A 316 43.33 3.44 -15.04
C TRP A 316 42.85 4.81 -14.56
N TYR A 317 41.53 5.03 -14.50
CA TYR A 317 41.02 6.28 -13.98
C TYR A 317 40.18 6.14 -12.72
N ASN A 318 39.75 4.92 -12.38
CA ASN A 318 39.11 4.65 -11.10
C ASN A 318 39.48 3.22 -10.70
N GLN A 319 40.19 3.09 -9.58
CA GLN A 319 40.74 1.80 -9.18
C GLN A 319 40.47 1.55 -7.70
N LYS A 320 39.84 0.40 -7.42
CA LYS A 320 39.61 -0.01 -6.04
C LYS A 320 40.91 0.07 -5.26
N THR A 321 40.83 0.47 -4.00
CA THR A 321 42.05 0.73 -3.25
C THR A 321 42.86 -0.55 -3.07
N GLN A 322 42.41 -1.45 -2.20
CA GLN A 322 42.91 -2.82 -2.22
C GLN A 322 41.80 -3.80 -1.88
N LYS A 323 40.78 -3.32 -1.17
CA LYS A 323 39.77 -4.21 -0.61
C LYS A 323 38.82 -4.74 -1.67
N GLU A 324 38.44 -3.91 -2.63
CA GLU A 324 37.64 -4.38 -3.76
C GLU A 324 38.46 -5.20 -4.75
N ARG A 325 39.77 -5.28 -4.56
CA ARG A 325 40.59 -6.17 -5.37
C ARG A 325 40.81 -7.51 -4.69
N GLU A 326 40.90 -7.52 -3.36
CA GLU A 326 41.13 -8.75 -2.61
C GLU A 326 39.86 -9.45 -2.17
N THR A 327 38.77 -8.71 -1.98
CA THR A 327 37.51 -9.32 -1.56
C THR A 327 37.14 -10.48 -2.47
N LEU A 328 36.69 -11.58 -1.86
CA LEU A 328 36.37 -12.78 -2.62
C LEU A 328 35.39 -12.49 -3.75
N LYS A 329 35.38 -13.36 -4.75
CA LYS A 329 34.52 -13.15 -5.91
C LYS A 329 33.06 -13.43 -5.58
N VAL A 330 32.81 -14.51 -4.82
CA VAL A 330 31.43 -14.95 -4.59
C VAL A 330 30.75 -14.18 -3.46
N LEU A 331 31.49 -13.45 -2.65
CA LEU A 331 30.87 -12.61 -1.64
C LEU A 331 30.49 -11.23 -2.20
N LYS A 332 31.29 -10.69 -3.11
CA LYS A 332 30.95 -9.44 -3.74
C LYS A 332 29.75 -9.56 -4.67
N MET A 333 29.56 -10.73 -5.30
CA MET A 333 28.33 -10.94 -6.07
C MET A 333 27.10 -10.80 -5.19
N PHE A 334 27.13 -11.43 -4.00
CA PHE A 334 26.01 -11.32 -3.08
C PHE A 334 25.84 -9.91 -2.54
N THR A 335 26.94 -9.23 -2.23
CA THR A 335 26.82 -7.85 -1.76
C THR A 335 26.26 -6.94 -2.84
N ASP A 336 26.60 -7.18 -4.11
CA ASP A 336 26.04 -6.36 -5.19
C ASP A 336 24.57 -6.67 -5.40
N PHE A 337 24.19 -7.94 -5.34
CA PHE A 337 22.78 -8.28 -5.41
C PHE A 337 21.99 -7.58 -4.31
N LEU A 338 22.55 -7.57 -3.09
CA LEU A 338 21.86 -6.88 -2.00
C LEU A 338 21.80 -5.38 -2.21
N SER A 339 22.88 -4.79 -2.74
CA SER A 339 22.84 -3.36 -3.04
C SER A 339 21.79 -3.01 -4.09
N PHE A 340 21.68 -3.82 -5.14
CA PHE A 340 20.61 -3.60 -6.11
C PHE A 340 19.23 -3.74 -5.49
N MET A 341 19.01 -4.80 -4.71
CA MET A 341 17.74 -4.96 -4.03
C MET A 341 17.40 -3.73 -3.18
N VAL A 342 18.32 -3.31 -2.32
CA VAL A 342 18.07 -2.14 -1.48
C VAL A 342 17.86 -0.88 -2.30
N LEU A 343 18.50 -0.78 -3.47
CA LEU A 343 18.38 0.41 -4.31
C LEU A 343 17.03 0.44 -5.04
N PHE A 344 16.47 -0.73 -5.33
CA PHE A 344 15.16 -0.83 -5.97
C PHE A 344 14.14 -1.21 -4.92
N ASN A 345 14.41 -0.77 -3.69
CA ASN A 345 13.56 -0.99 -2.54
C ASN A 345 12.22 -0.29 -2.66
N PHE A 346 12.22 0.86 -3.30
CA PHE A 346 11.05 1.69 -3.45
C PHE A 346 9.85 1.12 -4.19
N ILE A 347 10.09 0.11 -5.03
CA ILE A 347 9.01 -0.56 -5.83
C ILE A 347 7.86 -0.90 -4.87
N ILE A 348 8.20 -1.54 -3.74
CA ILE A 348 7.18 -1.88 -2.71
C ILE A 348 7.24 -0.74 -1.68
N PRO A 349 6.15 0.02 -1.46
CA PRO A 349 6.18 1.16 -0.55
C PRO A 349 5.73 0.83 0.88
N VAL A 350 6.61 1.13 1.85
CA VAL A 350 6.29 0.92 3.30
C VAL A 350 5.52 2.16 3.75
N SER A 351 5.28 3.08 2.81
CA SER A 351 4.55 4.34 3.10
C SER A 351 3.10 4.18 2.69
N MET A 352 2.69 2.96 2.35
CA MET A 352 1.30 2.61 1.96
C MET A 352 0.62 1.98 3.17
N TYR A 353 1.39 1.70 4.22
CA TYR A 353 0.81 1.21 5.46
C TYR A 353 0.70 2.31 6.51
N VAL A 354 1.75 3.13 6.66
CA VAL A 354 1.67 4.27 7.56
C VAL A 354 0.68 5.30 7.05
N THR A 355 0.27 5.18 5.79
CA THR A 355 -0.79 6.03 5.26
C THR A 355 -2.16 5.39 5.41
N VAL A 356 -2.28 4.08 5.18
CA VAL A 356 -3.55 3.40 5.38
C VAL A 356 -3.99 3.44 6.82
N GLU A 357 -3.04 3.41 7.77
CA GLU A 357 -3.40 3.56 9.17
C GLU A 357 -4.19 4.86 9.39
N MET A 358 -3.61 6.00 9.01
CA MET A 358 -4.28 7.28 9.18
C MET A 358 -5.58 7.32 8.39
N GLN A 359 -5.57 6.82 7.16
CA GLN A 359 -6.77 6.82 6.34
C GLN A 359 -7.92 6.13 7.05
N LYS A 360 -7.68 4.92 7.58
CA LYS A 360 -8.75 4.20 8.25
C LYS A 360 -9.16 4.88 9.55
N PHE A 361 -8.18 5.31 10.34
CA PHE A 361 -8.50 5.92 11.63
C PHE A 361 -9.35 7.18 11.44
N LEU A 362 -9.07 7.94 10.38
CA LEU A 362 -9.82 9.18 10.15
C LEU A 362 -11.11 8.93 9.37
N GLY A 363 -11.19 7.83 8.61
CA GLY A 363 -12.42 7.52 7.91
C GLY A 363 -13.47 6.85 8.77
N SER A 364 -13.05 6.19 9.85
CA SER A 364 -14.02 5.59 10.75
C SER A 364 -14.87 6.61 11.49
N PHE A 365 -14.51 7.89 11.42
CA PHE A 365 -15.27 8.92 12.12
C PHE A 365 -16.50 9.40 11.35
N PHE A 366 -16.50 9.28 10.01
CA PHE A 366 -17.66 9.69 9.24
C PHE A 366 -18.84 8.74 9.41
N ILE A 367 -18.60 7.52 9.90
CA ILE A 367 -19.70 6.62 10.23
C ILE A 367 -20.24 6.94 11.61
N SER A 368 -19.39 7.50 12.48
CA SER A 368 -19.82 7.85 13.83
C SER A 368 -20.61 9.16 13.83
N TRP A 369 -20.06 10.21 13.21
CA TRP A 369 -20.69 11.52 13.28
C TRP A 369 -21.97 11.62 12.47
N ASP A 370 -22.09 10.86 11.38
CA ASP A 370 -23.22 11.01 10.47
C ASP A 370 -24.53 11.17 11.23
N LYS A 371 -25.20 12.30 11.01
CA LYS A 371 -26.40 12.64 11.77
C LYS A 371 -27.61 11.79 11.39
N ASP A 372 -27.53 11.00 10.31
CA ASP A 372 -28.63 10.12 9.95
C ASP A 372 -28.70 8.88 10.83
N PHE A 373 -27.60 8.50 11.47
CA PHE A 373 -27.58 7.37 12.40
C PHE A 373 -27.87 7.82 13.82
N TYR A 374 -28.97 8.55 14.01
CA TYR A 374 -29.35 9.06 15.33
C TYR A 374 -30.79 8.68 15.62
N ASP A 375 -30.99 7.87 16.64
CA ASP A 375 -32.32 7.42 17.05
C ASP A 375 -32.75 8.22 18.27
N GLU A 376 -33.88 8.92 18.14
CA GLU A 376 -34.29 9.85 19.20
C GLU A 376 -34.68 9.12 20.48
N GLU A 377 -35.22 7.90 20.37
CA GLU A 377 -35.66 7.18 21.55
C GLU A 377 -34.50 6.91 22.50
N ILE A 378 -33.50 6.15 22.04
CA ILE A 378 -32.36 5.83 22.88
C ILE A 378 -31.39 6.99 23.02
N ASN A 379 -31.47 7.99 22.14
CA ASN A 379 -30.62 9.17 22.21
C ASN A 379 -29.14 8.82 22.05
N GLU A 380 -28.83 8.09 20.99
CA GLU A 380 -27.45 7.78 20.66
C GLU A 380 -27.34 7.60 19.15
N GLY A 381 -26.14 7.28 18.69
CA GLY A 381 -25.85 7.14 17.28
C GLY A 381 -25.09 5.87 16.98
N ALA A 382 -24.40 5.88 15.85
CA ALA A 382 -23.64 4.73 15.40
C ALA A 382 -22.41 4.54 16.29
N LEU A 383 -21.64 3.51 15.97
CA LEU A 383 -20.44 3.19 16.73
C LEU A 383 -19.55 2.29 15.89
N VAL A 384 -18.25 2.55 15.91
CA VAL A 384 -17.27 1.78 15.14
C VAL A 384 -16.29 1.17 16.13
N ASN A 385 -16.38 -0.15 16.30
CA ASN A 385 -15.48 -0.86 17.21
C ASN A 385 -14.18 -1.28 16.56
N THR A 386 -14.20 -1.55 15.25
CA THR A 386 -12.99 -1.90 14.52
C THR A 386 -12.87 -0.97 13.32
N SER A 387 -11.66 -0.47 13.09
CA SER A 387 -11.40 0.42 11.98
C SER A 387 -10.71 -0.27 10.82
N ASP A 388 -10.82 -1.59 10.73
CA ASP A 388 -10.13 -2.35 9.68
C ASP A 388 -11.08 -2.90 8.62
N LEU A 389 -12.40 -2.85 8.86
CA LEU A 389 -13.36 -3.44 7.93
C LEU A 389 -14.19 -2.38 7.22
N ASN A 390 -13.79 -1.11 7.29
CA ASN A 390 -14.50 -0.09 6.54
C ASN A 390 -14.57 -0.44 5.06
N GLU A 391 -13.44 -0.84 4.47
CA GLU A 391 -13.36 -1.16 3.06
C GLU A 391 -14.18 -2.38 2.67
N GLU A 392 -14.88 -3.01 3.62
CA GLU A 392 -15.68 -4.19 3.32
C GLU A 392 -17.17 -3.94 3.45
N LEU A 393 -17.59 -2.69 3.66
CA LEU A 393 -19.01 -2.38 3.65
C LEU A 393 -19.56 -2.27 2.23
N GLY A 394 -18.69 -2.05 1.24
CA GLY A 394 -19.06 -2.04 -0.15
C GLY A 394 -18.73 -3.31 -0.91
N GLN A 395 -18.75 -4.47 -0.25
CA GLN A 395 -18.48 -5.74 -0.89
C GLN A 395 -19.46 -6.82 -0.45
N VAL A 396 -20.32 -6.52 0.52
CA VAL A 396 -21.24 -7.51 1.06
C VAL A 396 -22.05 -8.15 -0.06
N ASP A 397 -22.39 -9.43 0.11
CA ASP A 397 -23.24 -10.17 -0.82
C ASP A 397 -24.45 -10.79 -0.16
N TYR A 398 -24.32 -11.25 1.08
CA TYR A 398 -25.44 -11.81 1.84
C TYR A 398 -25.67 -10.96 3.08
N VAL A 399 -26.87 -11.08 3.66
CA VAL A 399 -27.21 -10.41 4.90
C VAL A 399 -27.99 -11.40 5.75
N PHE A 400 -27.33 -11.99 6.74
CA PHE A 400 -27.94 -12.99 7.62
C PHE A 400 -28.58 -12.29 8.81
N THR A 401 -29.83 -11.87 8.65
CA THR A 401 -30.53 -11.05 9.62
C THR A 401 -30.98 -11.89 10.82
N ASP A 402 -31.75 -11.28 11.71
CA ASP A 402 -32.31 -11.94 12.87
C ASP A 402 -33.70 -11.39 13.11
N LYS A 403 -34.64 -12.28 13.43
CA LYS A 403 -36.05 -11.93 13.35
C LYS A 403 -36.51 -11.04 14.50
N THR A 404 -36.42 -11.54 15.73
CA THR A 404 -36.99 -10.81 16.87
C THR A 404 -35.98 -9.79 17.37
N GLY A 405 -36.41 -8.54 17.52
CA GLY A 405 -35.56 -7.49 18.02
C GLY A 405 -34.90 -6.67 16.94
N THR A 406 -34.46 -7.35 15.88
CA THR A 406 -33.85 -6.67 14.74
C THR A 406 -34.89 -6.28 13.69
N LEU A 407 -35.60 -7.27 13.16
CA LEU A 407 -36.69 -7.02 12.21
C LEU A 407 -37.92 -6.45 12.90
N THR A 408 -38.46 -7.16 13.88
CA THR A 408 -39.64 -6.73 14.61
C THR A 408 -39.25 -6.32 16.02
N GLU A 409 -39.83 -5.20 16.47
CA GLU A 409 -39.53 -4.68 17.79
C GLU A 409 -40.45 -5.26 18.85
N LYS A 644 -45.51 -6.34 14.19
CA LYS A 644 -45.19 -4.93 14.21
C LYS A 644 -43.77 -4.67 13.74
N LEU A 645 -43.56 -4.75 12.43
CA LEU A 645 -42.24 -4.51 11.86
C LEU A 645 -41.74 -3.12 12.22
N GLN A 646 -40.44 -2.92 12.02
CA GLN A 646 -39.80 -1.67 12.36
C GLN A 646 -40.26 -0.58 11.40
N ASP A 647 -39.68 0.63 11.55
CA ASP A 647 -40.14 1.78 10.79
C ASP A 647 -40.11 1.52 9.28
N GLN A 648 -39.00 0.99 8.79
CA GLN A 648 -38.81 0.80 7.35
C GLN A 648 -38.22 -0.58 7.07
N ALA A 649 -38.59 -1.56 7.88
CA ALA A 649 -38.03 -2.91 7.74
C ALA A 649 -38.40 -3.56 6.41
N ALA A 650 -39.27 -2.94 5.61
CA ALA A 650 -39.63 -3.50 4.32
C ALA A 650 -38.92 -2.82 3.17
N GLU A 651 -38.91 -1.48 3.14
CA GLU A 651 -38.18 -0.75 2.11
C GLU A 651 -36.69 -1.01 2.17
N THR A 652 -36.11 -1.18 3.36
CA THR A 652 -34.71 -1.54 3.45
C THR A 652 -34.43 -2.92 2.87
N ILE A 653 -35.31 -3.88 3.11
CA ILE A 653 -35.11 -5.20 2.52
C ILE A 653 -35.30 -5.17 1.01
N GLU A 654 -36.19 -4.32 0.50
CA GLU A 654 -36.30 -4.19 -0.95
C GLU A 654 -35.04 -3.54 -1.53
N ALA A 655 -34.51 -2.53 -0.86
CA ALA A 655 -33.27 -1.91 -1.31
C ALA A 655 -32.10 -2.89 -1.24
N LEU A 656 -32.13 -3.84 -0.31
CA LEU A 656 -31.08 -4.85 -0.22
C LEU A 656 -31.27 -5.98 -1.22
N HIS A 657 -32.49 -6.22 -1.69
CA HIS A 657 -32.68 -7.13 -2.81
C HIS A 657 -32.37 -6.48 -4.15
N ALA A 658 -32.49 -5.16 -4.23
CA ALA A 658 -32.24 -4.48 -5.50
C ALA A 658 -30.74 -4.33 -5.77
N ALA A 659 -29.95 -4.03 -4.74
CA ALA A 659 -28.53 -3.80 -4.90
C ALA A 659 -27.74 -5.06 -5.21
N GLY A 660 -28.41 -6.20 -5.39
CA GLY A 660 -27.74 -7.44 -5.70
C GLY A 660 -27.54 -8.38 -4.53
N LEU A 661 -27.64 -7.88 -3.30
CA LEU A 661 -27.48 -8.71 -2.11
C LEU A 661 -28.52 -9.82 -2.09
N LYS A 662 -28.32 -10.77 -1.19
CA LYS A 662 -29.24 -11.88 -0.98
C LYS A 662 -29.49 -12.01 0.52
N VAL A 663 -30.64 -11.55 0.96
CA VAL A 663 -30.97 -11.45 2.38
C VAL A 663 -31.53 -12.79 2.83
N TRP A 664 -30.92 -13.37 3.85
CA TRP A 664 -31.45 -14.55 4.53
C TRP A 664 -32.03 -14.14 5.88
N VAL A 665 -32.66 -15.08 6.56
CA VAL A 665 -33.23 -14.84 7.88
C VAL A 665 -32.92 -16.04 8.75
N LEU A 666 -31.94 -15.90 9.63
CA LEU A 666 -31.60 -16.94 10.59
C LEU A 666 -32.15 -16.54 11.94
N THR A 667 -33.39 -16.92 12.22
CA THR A 667 -34.08 -16.49 13.42
C THR A 667 -33.91 -17.54 14.51
N GLY A 668 -34.59 -17.31 15.63
CA GLY A 668 -34.52 -18.21 16.77
C GLY A 668 -35.88 -18.62 17.27
N ASP A 669 -36.93 -18.14 16.63
CA ASP A 669 -38.29 -18.45 17.04
C ASP A 669 -38.84 -19.64 16.26
N LYS A 670 -39.97 -20.15 16.72
CA LYS A 670 -40.59 -21.30 16.09
C LYS A 670 -41.05 -20.96 14.67
N MET A 671 -41.26 -22.00 13.87
CA MET A 671 -41.64 -21.82 12.47
C MET A 671 -43.01 -21.18 12.32
N GLU A 672 -43.85 -21.22 13.34
CA GLU A 672 -45.20 -20.67 13.22
C GLU A 672 -45.18 -19.15 13.18
N THR A 673 -44.33 -18.52 13.99
CA THR A 673 -44.31 -17.07 14.08
C THR A 673 -43.23 -16.45 13.21
N ALA A 674 -42.05 -17.08 13.08
CA ALA A 674 -41.00 -16.51 12.24
C ALA A 674 -41.39 -16.57 10.77
N LYS A 675 -42.48 -17.24 10.44
CA LYS A 675 -42.97 -17.32 9.07
C LYS A 675 -43.93 -16.18 8.74
N SER A 676 -44.83 -15.85 9.67
CA SER A 676 -45.76 -14.74 9.43
C SER A 676 -45.03 -13.42 9.25
N THR A 677 -44.11 -13.11 10.18
CA THR A 677 -43.31 -11.89 10.06
C THR A 677 -42.62 -11.83 8.70
N CYS A 678 -41.90 -12.90 8.35
CA CYS A 678 -41.24 -12.94 7.04
C CYS A 678 -42.24 -12.74 5.90
N TYR A 679 -43.48 -13.18 6.07
CA TYR A 679 -44.49 -12.93 5.05
C TYR A 679 -44.97 -11.49 5.03
N ALA A 680 -44.65 -10.71 6.07
CA ALA A 680 -44.98 -9.30 6.10
C ALA A 680 -43.84 -8.40 5.67
N CYS A 681 -42.60 -8.83 5.85
CA CYS A 681 -41.43 -8.05 5.48
C CYS A 681 -41.16 -8.06 3.98
N ARG A 682 -42.07 -8.61 3.18
CA ARG A 682 -41.95 -8.71 1.73
C ARG A 682 -40.94 -9.76 1.30
N LEU A 683 -40.27 -10.41 2.24
CA LEU A 683 -39.33 -11.47 1.93
C LEU A 683 -40.00 -12.68 1.27
N PHE A 684 -41.31 -12.85 1.48
CA PHE A 684 -42.08 -13.93 0.86
C PHE A 684 -43.31 -13.32 0.19
N GLN A 685 -43.28 -13.22 -1.13
CA GLN A 685 -44.44 -12.75 -1.87
C GLN A 685 -45.48 -13.86 -2.00
N THR A 686 -46.66 -13.48 -2.50
CA THR A 686 -47.77 -14.42 -2.55
C THR A 686 -47.40 -15.67 -3.35
N ASN A 687 -46.94 -15.49 -4.57
CA ASN A 687 -46.62 -16.63 -5.45
C ASN A 687 -45.23 -17.18 -5.17
N THR A 688 -44.96 -17.51 -3.91
CA THR A 688 -43.69 -18.11 -3.49
C THR A 688 -43.96 -19.51 -2.98
N GLU A 689 -43.54 -20.52 -3.76
CA GLU A 689 -43.80 -21.91 -3.40
C GLU A 689 -42.78 -22.37 -2.37
N LEU A 690 -43.19 -22.42 -1.11
CA LEU A 690 -42.30 -22.77 -0.02
C LEU A 690 -41.80 -24.19 -0.18
N LEU A 691 -40.51 -24.40 0.06
CA LEU A 691 -39.94 -25.75 0.18
C LEU A 691 -39.66 -25.99 1.65
N GLU A 692 -40.64 -26.51 2.37
CA GLU A 692 -40.57 -26.65 3.81
C GLU A 692 -39.86 -27.95 4.18
N LEU A 693 -38.68 -27.82 4.78
CA LEU A 693 -37.89 -28.95 5.25
C LEU A 693 -37.87 -29.04 6.77
N THR A 694 -38.86 -28.46 7.45
CA THR A 694 -38.88 -28.46 8.90
C THR A 694 -38.97 -29.89 9.43
N THR A 695 -38.78 -30.02 10.74
CA THR A 695 -38.86 -31.32 11.38
C THR A 695 -40.27 -31.88 11.39
N LYS A 696 -41.27 -31.07 11.02
CA LYS A 696 -42.65 -31.52 10.96
C LYS A 696 -42.94 -32.37 9.73
N THR A 697 -41.96 -32.53 8.85
CA THR A 697 -42.13 -33.34 7.64
C THR A 697 -40.96 -34.24 7.33
N ILE A 698 -39.96 -34.33 8.21
CA ILE A 698 -38.74 -35.09 7.95
C ILE A 698 -38.56 -36.15 9.03
N GLU A 699 -39.66 -36.73 9.49
CA GLU A 699 -39.59 -37.71 10.58
C GLU A 699 -38.98 -39.02 10.10
N GLU A 700 -37.68 -39.01 9.83
CA GLU A 700 -36.95 -40.22 9.46
C GLU A 700 -35.47 -39.87 9.37
N SER A 701 -34.65 -40.85 8.97
CA SER A 701 -33.22 -40.65 8.83
C SER A 701 -32.82 -40.43 7.37
N GLU A 702 -33.26 -41.31 6.48
CA GLU A 702 -33.00 -41.19 5.05
C GLU A 702 -34.15 -40.53 4.31
N ARG A 703 -35.26 -40.25 4.99
CA ARG A 703 -36.38 -39.58 4.34
C ARG A 703 -35.95 -38.24 3.74
N LYS A 704 -35.31 -37.39 4.55
CA LYS A 704 -34.80 -36.13 4.02
C LYS A 704 -33.81 -36.36 2.90
N GLU A 705 -33.13 -37.51 2.89
CA GLU A 705 -32.28 -37.84 1.76
C GLU A 705 -33.06 -37.82 0.46
N ASP A 706 -34.26 -38.41 0.45
CA ASP A 706 -35.08 -38.40 -0.75
C ASP A 706 -35.75 -37.04 -0.95
N ARG A 707 -36.06 -36.35 0.14
CA ARG A 707 -36.58 -34.99 0.03
C ARG A 707 -35.63 -34.11 -0.77
N LEU A 708 -34.35 -34.12 -0.42
CA LEU A 708 -33.37 -33.28 -1.08
C LEU A 708 -33.23 -33.63 -2.55
N HIS A 709 -33.20 -34.92 -2.88
CA HIS A 709 -33.16 -35.31 -4.29
C HIS A 709 -34.40 -34.82 -5.05
N GLU A 710 -35.58 -35.19 -4.57
CA GLU A 710 -36.81 -34.73 -5.19
C GLU A 710 -36.84 -33.22 -5.38
N LEU A 711 -36.28 -32.46 -4.45
CA LEU A 711 -36.28 -31.01 -4.55
C LEU A 711 -35.25 -30.46 -5.52
N LEU A 712 -34.04 -31.03 -5.55
CA LEU A 712 -32.95 -30.50 -6.36
C LEU A 712 -32.88 -31.12 -7.74
N ILE A 713 -32.72 -32.44 -7.84
CA ILE A 713 -32.39 -33.06 -9.12
C ILE A 713 -33.58 -33.15 -10.07
N GLU A 714 -34.80 -32.93 -9.58
CA GLU A 714 -35.97 -33.00 -10.45
C GLU A 714 -37.01 -31.93 -10.17
N TYR A 715 -36.73 -30.96 -9.31
CA TYR A 715 -37.73 -29.95 -8.99
C TYR A 715 -37.23 -28.53 -9.24
N ARG A 716 -35.95 -28.27 -8.95
CA ARG A 716 -35.45 -26.91 -8.99
C ARG A 716 -34.23 -26.77 -9.90
N LYS A 717 -33.35 -27.77 -9.90
CA LYS A 717 -32.11 -27.69 -10.65
C LYS A 717 -32.33 -27.65 -12.16
N LYS A 718 -33.57 -27.74 -12.61
CA LYS A 718 -33.91 -27.63 -14.02
C LYS A 718 -34.42 -26.24 -14.40
N LEU A 719 -34.62 -25.37 -13.43
CA LEU A 719 -35.10 -24.02 -13.69
C LEU A 719 -36.37 -24.02 -14.53
N GLU A 736 -37.10 -18.67 -14.04
CA GLU A 736 -37.87 -18.85 -12.82
C GLU A 736 -36.96 -18.93 -11.60
N HIS A 737 -36.27 -17.83 -11.30
CA HIS A 737 -35.37 -17.76 -10.16
C HIS A 737 -35.99 -17.07 -8.95
N GLN A 738 -37.24 -16.61 -9.04
CA GLN A 738 -37.84 -15.78 -8.01
C GLN A 738 -39.08 -16.41 -7.36
N GLU A 739 -39.33 -17.70 -7.58
CA GLU A 739 -40.57 -18.32 -7.13
C GLU A 739 -40.42 -19.10 -5.84
N TYR A 740 -39.28 -19.73 -5.60
CA TYR A 740 -39.12 -20.63 -4.47
C TYR A 740 -38.41 -19.96 -3.31
N GLY A 741 -38.90 -20.22 -2.10
CA GLY A 741 -38.24 -19.78 -0.88
C GLY A 741 -38.22 -20.89 0.16
N LEU A 742 -37.03 -21.29 0.59
CA LEU A 742 -36.87 -22.44 1.47
C LEU A 742 -37.27 -22.08 2.90
N ILE A 743 -37.28 -23.11 3.75
CA ILE A 743 -37.47 -22.96 5.19
C ILE A 743 -36.93 -24.23 5.86
N ILE A 744 -36.28 -24.06 7.00
CA ILE A 744 -35.61 -25.15 7.69
C ILE A 744 -35.91 -25.05 9.18
N ASP A 745 -35.32 -25.96 9.95
CA ASP A 745 -35.44 -25.97 11.40
C ASP A 745 -34.14 -26.45 12.02
N GLY A 746 -34.05 -26.36 13.35
CA GLY A 746 -32.85 -26.80 14.03
C GLY A 746 -32.75 -28.31 14.14
N SER A 747 -33.81 -29.02 13.77
CA SER A 747 -33.78 -30.48 13.85
C SER A 747 -33.38 -31.10 12.52
N THR A 748 -33.74 -30.45 11.41
CA THR A 748 -33.36 -30.95 10.10
C THR A 748 -31.95 -30.52 9.72
N LEU A 749 -31.67 -29.21 9.81
CA LEU A 749 -30.33 -28.73 9.53
C LEU A 749 -29.29 -29.37 10.43
N SER A 750 -29.63 -29.70 11.67
CA SER A 750 -28.67 -30.39 12.53
C SER A 750 -28.19 -31.68 11.89
N LEU A 751 -29.11 -32.52 11.41
CA LEU A 751 -28.70 -33.70 10.66
C LEU A 751 -27.93 -33.31 9.42
N ILE A 752 -28.51 -32.44 8.58
CA ILE A 752 -27.89 -32.07 7.31
C ILE A 752 -26.42 -31.73 7.49
N LEU A 753 -26.09 -31.05 8.60
CA LEU A 753 -24.72 -30.57 8.77
C LEU A 753 -23.88 -31.57 9.56
N ASN A 754 -24.27 -31.87 10.80
CA ASN A 754 -23.46 -32.74 11.64
C ASN A 754 -23.24 -34.10 11.00
N SER A 755 -24.26 -34.65 10.33
CA SER A 755 -24.16 -35.93 9.66
C SER A 755 -23.74 -35.80 8.20
N SER A 756 -23.04 -34.73 7.86
CA SER A 756 -22.55 -34.52 6.51
C SER A 756 -21.28 -35.31 6.21
N GLN A 757 -20.91 -36.24 7.10
CA GLN A 757 -19.77 -37.13 6.88
C GLN A 757 -20.22 -38.57 6.65
N ASP A 758 -21.43 -38.76 6.13
CA ASP A 758 -21.95 -40.08 5.80
C ASP A 758 -21.89 -40.37 4.31
N SER A 759 -22.22 -39.38 3.48
CA SER A 759 -22.18 -39.50 2.03
C SER A 759 -21.17 -38.53 1.45
N SER A 760 -20.27 -39.04 0.61
CA SER A 760 -19.29 -38.22 -0.08
C SER A 760 -19.34 -38.37 -1.59
N SER A 761 -19.95 -39.45 -2.11
CA SER A 761 -20.22 -39.53 -3.54
C SER A 761 -21.38 -38.63 -3.93
N ASN A 762 -22.36 -38.48 -3.03
CA ASN A 762 -23.46 -37.52 -3.20
C ASN A 762 -23.56 -36.76 -1.87
N ASN A 763 -22.78 -35.68 -1.76
CA ASN A 763 -22.66 -34.97 -0.50
C ASN A 763 -23.97 -34.31 -0.11
N TYR A 764 -24.44 -34.61 1.10
CA TYR A 764 -25.63 -33.94 1.62
C TYR A 764 -25.45 -32.43 1.62
N LYS A 765 -24.46 -31.93 2.37
CA LYS A 765 -24.20 -30.51 2.44
C LYS A 765 -24.17 -29.84 1.07
N SER A 766 -23.72 -30.54 0.04
CA SER A 766 -23.69 -30.00 -1.30
C SER A 766 -25.08 -29.82 -1.89
N ILE A 767 -25.89 -30.88 -1.86
CA ILE A 767 -27.26 -30.79 -2.36
C ILE A 767 -28.01 -29.69 -1.64
N PHE A 768 -27.86 -29.60 -0.32
CA PHE A 768 -28.56 -28.61 0.48
C PHE A 768 -28.07 -27.19 0.21
N LEU A 769 -26.76 -26.99 0.08
CA LEU A 769 -26.24 -25.67 -0.21
C LEU A 769 -26.64 -25.21 -1.60
N GLN A 770 -26.70 -26.12 -2.57
CA GLN A 770 -27.17 -25.74 -3.90
C GLN A 770 -28.60 -25.25 -3.84
N ILE A 771 -29.48 -26.01 -3.19
CA ILE A 771 -30.86 -25.58 -3.01
C ILE A 771 -30.93 -24.22 -2.36
N CYS A 772 -30.20 -24.01 -1.26
CA CYS A 772 -30.27 -22.74 -0.56
C CYS A 772 -29.81 -21.58 -1.44
N MET A 773 -28.68 -21.74 -2.15
CA MET A 773 -28.16 -20.66 -2.96
C MET A 773 -28.95 -20.46 -4.25
N LYS A 774 -29.82 -21.40 -4.62
CA LYS A 774 -30.64 -21.26 -5.82
C LYS A 774 -32.03 -20.70 -5.55
N CYS A 775 -32.45 -20.62 -4.29
CA CYS A 775 -33.77 -20.08 -3.96
C CYS A 775 -33.73 -18.55 -3.91
N THR A 776 -34.89 -17.95 -3.73
CA THR A 776 -34.97 -16.49 -3.63
C THR A 776 -34.53 -16.02 -2.25
N ALA A 777 -35.22 -16.47 -1.20
CA ALA A 777 -34.86 -16.16 0.17
C ALA A 777 -35.00 -17.42 1.00
N VAL A 778 -34.26 -17.46 2.11
CA VAL A 778 -34.25 -18.62 2.99
C VAL A 778 -34.68 -18.19 4.38
N LEU A 779 -35.13 -19.15 5.17
CA LEU A 779 -35.54 -18.92 6.55
C LEU A 779 -35.04 -20.09 7.38
N CYS A 780 -34.97 -19.90 8.70
CA CYS A 780 -34.48 -20.92 9.61
C CYS A 780 -35.10 -20.68 10.99
N CYS A 781 -35.98 -21.58 11.40
CA CYS A 781 -36.68 -21.47 12.67
C CYS A 781 -36.11 -22.47 13.68
N ARG A 782 -36.09 -22.05 14.94
CA ARG A 782 -35.54 -22.87 16.02
C ARG A 782 -34.06 -23.13 15.81
N MET A 783 -33.30 -22.04 15.68
CA MET A 783 -31.87 -22.12 15.42
C MET A 783 -31.06 -21.83 16.68
N ALA A 784 -30.28 -22.82 17.10
CA ALA A 784 -29.39 -22.65 18.24
C ALA A 784 -28.27 -21.68 17.88
N PRO A 785 -27.67 -21.02 18.87
CA PRO A 785 -26.64 -20.02 18.58
C PRO A 785 -25.57 -20.48 17.61
N LEU A 786 -25.12 -21.72 17.70
CA LEU A 786 -24.00 -22.17 16.88
C LEU A 786 -24.41 -22.46 15.43
N GLN A 787 -25.59 -23.04 15.22
CA GLN A 787 -26.02 -23.36 13.87
C GLN A 787 -25.99 -22.13 12.97
N LYS A 788 -26.20 -20.94 13.54
CA LYS A 788 -26.02 -19.72 12.75
C LYS A 788 -24.59 -19.58 12.25
N ALA A 789 -23.61 -19.82 13.12
CA ALA A 789 -22.21 -19.77 12.72
C ALA A 789 -21.83 -20.88 11.77
N GLN A 790 -22.50 -22.02 11.82
CA GLN A 790 -22.29 -23.07 10.83
C GLN A 790 -22.83 -22.71 9.47
N ILE A 791 -24.03 -22.11 9.40
CA ILE A 791 -24.53 -21.61 8.14
C ILE A 791 -23.61 -20.53 7.57
N VAL A 792 -23.24 -19.55 8.40
CA VAL A 792 -22.41 -18.45 7.93
C VAL A 792 -20.96 -18.86 7.80
N ARG A 793 -20.63 -20.10 8.14
CA ARG A 793 -19.31 -20.64 7.83
C ARG A 793 -19.31 -21.49 6.58
N MET A 794 -20.46 -22.09 6.23
CA MET A 794 -20.58 -22.76 4.95
C MET A 794 -20.72 -21.76 3.82
N VAL A 795 -21.45 -20.67 4.06
CA VAL A 795 -21.65 -19.67 3.02
C VAL A 795 -20.36 -18.94 2.70
N LYS A 796 -19.49 -18.79 3.70
CA LYS A 796 -18.19 -18.16 3.46
C LYS A 796 -17.25 -19.04 2.65
N ASN A 797 -17.50 -20.34 2.60
CA ASN A 797 -16.63 -21.27 1.88
C ASN A 797 -17.17 -21.66 0.52
N LEU A 798 -18.48 -21.65 0.33
CA LEU A 798 -19.05 -22.17 -0.91
C LEU A 798 -18.58 -21.35 -2.12
N LYS A 799 -17.97 -22.05 -3.08
CA LYS A 799 -17.65 -21.51 -4.40
C LYS A 799 -17.02 -20.12 -4.31
N GLY A 800 -15.86 -20.08 -3.65
CA GLY A 800 -15.11 -18.84 -3.58
C GLY A 800 -15.12 -18.20 -2.20
N SER A 801 -15.65 -16.97 -2.13
CA SER A 801 -15.72 -16.28 -0.85
C SER A 801 -16.75 -15.16 -0.89
N PRO A 802 -18.02 -15.45 -1.08
CA PRO A 802 -19.04 -14.40 -0.99
C PRO A 802 -18.98 -13.72 0.37
N ILE A 803 -18.61 -12.45 0.37
CA ILE A 803 -18.52 -11.66 1.60
C ILE A 803 -19.88 -11.67 2.27
N THR A 804 -19.93 -12.18 3.50
CA THR A 804 -21.17 -12.32 4.24
C THR A 804 -21.29 -11.23 5.31
N LEU A 805 -22.52 -10.92 5.68
CA LEU A 805 -22.82 -9.96 6.74
C LEU A 805 -23.87 -10.55 7.66
N SER A 806 -23.90 -10.07 8.90
CA SER A 806 -24.87 -10.52 9.88
C SER A 806 -25.20 -9.36 10.81
N ILE A 807 -26.48 -9.16 11.08
CA ILE A 807 -26.95 -8.03 11.87
C ILE A 807 -27.84 -8.54 12.99
N GLY A 808 -27.26 -8.73 14.17
CA GLY A 808 -28.00 -9.26 15.31
C GLY A 808 -28.28 -8.18 16.32
N ASP A 809 -29.01 -8.55 17.37
CA ASP A 809 -29.41 -7.62 18.41
C ASP A 809 -29.11 -8.11 19.82
N GLY A 810 -29.04 -9.42 20.03
CA GLY A 810 -28.96 -9.99 21.35
C GLY A 810 -27.74 -10.88 21.55
N ALA A 811 -27.53 -11.26 22.81
CA ALA A 811 -26.34 -11.99 23.19
C ALA A 811 -26.29 -13.40 22.62
N ASN A 812 -27.29 -13.81 21.83
CA ASN A 812 -27.22 -15.10 21.17
C ASN A 812 -26.65 -15.00 19.76
N ASP A 813 -26.75 -13.85 19.12
CA ASP A 813 -26.18 -13.62 17.80
C ASP A 813 -24.68 -13.42 17.84
N VAL A 814 -24.08 -13.28 19.03
CA VAL A 814 -22.67 -12.94 19.14
C VAL A 814 -21.78 -14.01 18.55
N SER A 815 -22.34 -15.12 18.07
CA SER A 815 -21.54 -16.12 17.38
C SER A 815 -21.43 -15.85 15.89
N MET A 816 -22.54 -15.65 15.19
CA MET A 816 -22.47 -15.30 13.79
C MET A 816 -21.95 -13.88 13.57
N ILE A 817 -22.03 -13.03 14.58
CA ILE A 817 -21.43 -11.70 14.48
C ILE A 817 -19.91 -11.79 14.55
N LEU A 818 -19.39 -12.85 15.19
CA LEU A 818 -17.96 -13.10 15.20
C LEU A 818 -17.51 -14.02 14.08
N GLU A 819 -18.43 -14.70 13.41
CA GLU A 819 -18.07 -15.59 12.32
C GLU A 819 -18.23 -14.96 10.94
N SER A 820 -19.11 -13.97 10.80
CA SER A 820 -19.28 -13.30 9.53
C SER A 820 -18.05 -12.47 9.20
N HIS A 821 -18.07 -11.82 8.03
CA HIS A 821 -16.94 -10.99 7.63
C HIS A 821 -17.00 -9.63 8.29
N VAL A 822 -18.15 -8.96 8.24
CA VAL A 822 -18.36 -7.69 8.91
C VAL A 822 -19.67 -7.77 9.68
N GLY A 823 -19.59 -8.11 10.95
CA GLY A 823 -20.78 -8.28 11.79
C GLY A 823 -21.28 -6.95 12.31
N ILE A 824 -22.40 -6.51 11.76
CA ILE A 824 -23.10 -5.31 12.21
C ILE A 824 -23.98 -5.69 13.39
N GLY A 825 -23.86 -4.95 14.48
CA GLY A 825 -24.69 -5.20 15.64
C GLY A 825 -25.69 -4.08 15.88
N ILE A 826 -26.90 -4.42 16.30
CA ILE A 826 -27.91 -3.41 16.56
C ILE A 826 -28.06 -3.20 18.06
N LYS A 827 -28.37 -1.97 18.45
CA LYS A 827 -28.53 -1.59 19.86
C LYS A 827 -30.01 -1.53 20.15
N GLY A 828 -30.57 -2.66 20.61
CA GLY A 828 -31.99 -2.76 20.83
C GLY A 828 -32.40 -2.76 22.29
N LYS A 829 -33.51 -3.44 22.59
CA LYS A 829 -34.04 -3.44 23.95
C LYS A 829 -33.28 -4.41 24.84
N GLU A 830 -32.80 -5.53 24.28
CA GLU A 830 -32.20 -6.57 25.09
C GLU A 830 -31.02 -6.02 25.90
N GLY A 831 -29.98 -5.58 25.22
CA GLY A 831 -28.81 -5.08 25.91
C GLY A 831 -27.65 -4.85 24.95
N ARG A 832 -26.54 -4.44 25.54
CA ARG A 832 -25.32 -4.14 24.79
C ARG A 832 -24.31 -5.28 24.85
N GLN A 833 -24.80 -6.53 24.88
CA GLN A 833 -23.88 -7.67 24.87
C GLN A 833 -23.58 -8.13 23.45
N ALA A 834 -24.48 -7.82 22.51
CA ALA A 834 -24.25 -8.14 21.11
C ALA A 834 -23.86 -6.91 20.29
N ALA A 835 -23.81 -5.74 20.92
CA ALA A 835 -23.33 -4.54 20.23
C ALA A 835 -21.85 -4.30 20.48
N ARG A 836 -21.33 -4.67 21.65
CA ARG A 836 -19.93 -4.48 21.97
C ARG A 836 -19.03 -5.54 21.34
N ASN A 837 -19.59 -6.65 20.87
CA ASN A 837 -18.84 -7.63 20.10
C ASN A 837 -19.08 -7.48 18.60
N SER A 838 -19.75 -6.41 18.18
CA SER A 838 -20.01 -6.17 16.77
C SER A 838 -18.97 -5.19 16.21
N ASP A 839 -18.68 -5.33 14.92
CA ASP A 839 -17.70 -4.47 14.28
C ASP A 839 -18.26 -3.07 14.02
N TYR A 840 -19.56 -2.89 14.21
CA TYR A 840 -20.21 -1.58 14.10
C TYR A 840 -21.42 -1.55 15.01
N SER A 841 -22.28 -0.56 14.81
CA SER A 841 -23.50 -0.44 15.62
C SER A 841 -24.43 0.56 14.96
N VAL A 842 -25.68 0.17 14.77
CA VAL A 842 -26.72 1.06 14.26
C VAL A 842 -28.00 0.78 15.03
N PRO A 843 -28.63 1.80 15.61
CA PRO A 843 -29.81 1.54 16.45
C PRO A 843 -31.11 1.43 15.66
N LYS A 844 -31.10 0.68 14.57
CA LYS A 844 -32.28 0.47 13.74
C LYS A 844 -31.94 -0.53 12.65
N PHE A 845 -32.93 -0.84 11.82
CA PHE A 845 -32.68 -1.65 10.63
C PHE A 845 -32.77 -0.82 9.37
N LYS A 846 -33.54 0.26 9.39
CA LYS A 846 -33.62 1.15 8.24
C LYS A 846 -32.29 1.85 7.98
N HIS A 847 -31.31 1.68 8.87
CA HIS A 847 -29.97 2.22 8.67
C HIS A 847 -29.07 1.32 7.84
N LEU A 848 -29.27 0.00 7.91
CA LEU A 848 -28.41 -0.93 7.18
C LEU A 848 -28.42 -0.69 5.68
N LYS A 849 -29.30 0.17 5.18
CA LYS A 849 -29.24 0.56 3.77
C LYS A 849 -28.26 1.71 3.58
N LYS A 850 -28.40 2.77 4.37
CA LYS A 850 -27.50 3.90 4.27
C LYS A 850 -26.08 3.56 4.72
N LEU A 851 -25.94 2.58 5.61
CA LEU A 851 -24.60 2.20 6.09
C LEU A 851 -23.79 1.50 5.00
N LEU A 852 -24.40 0.53 4.32
CA LEU A 852 -23.66 -0.25 3.33
C LEU A 852 -24.02 0.07 1.90
N LEU A 853 -24.66 1.22 1.64
CA LEU A 853 -24.78 1.70 0.27
C LEU A 853 -24.02 3.00 0.08
N ALA A 854 -24.06 3.89 1.08
CA ALA A 854 -23.42 5.20 0.97
C ALA A 854 -22.07 5.24 1.69
N HIS A 855 -21.80 4.26 2.55
CA HIS A 855 -20.53 4.23 3.26
C HIS A 855 -19.66 3.05 2.83
N GLY A 856 -20.27 2.03 2.23
CA GLY A 856 -19.47 0.95 1.69
C GLY A 856 -18.90 1.29 0.32
N HIS A 857 -19.74 1.84 -0.56
CA HIS A 857 -19.28 2.24 -1.88
C HIS A 857 -18.13 3.23 -1.80
N LEU A 858 -18.32 4.32 -1.05
CA LEU A 858 -17.30 5.36 -0.97
C LEU A 858 -16.02 4.84 -0.34
N TYR A 859 -16.15 4.13 0.78
CA TYR A 859 -14.97 3.62 1.46
C TYR A 859 -14.18 2.67 0.57
N TYR A 860 -14.86 1.73 -0.09
CA TYR A 860 -14.15 0.81 -0.96
C TYR A 860 -13.51 1.52 -2.13
N VAL A 861 -14.21 2.48 -2.74
CA VAL A 861 -13.62 3.21 -3.86
C VAL A 861 -12.37 3.94 -3.43
N ARG A 862 -12.44 4.70 -2.34
CA ARG A 862 -11.27 5.42 -1.86
C ARG A 862 -10.11 4.48 -1.57
N ILE A 863 -10.36 3.37 -0.86
CA ILE A 863 -9.25 2.49 -0.51
C ILE A 863 -8.65 1.82 -1.74
N ALA A 864 -9.48 1.39 -2.69
CA ALA A 864 -8.94 0.77 -3.90
C ALA A 864 -8.11 1.74 -4.72
N HIS A 865 -8.58 2.97 -4.89
CA HIS A 865 -7.78 3.95 -5.61
C HIS A 865 -6.50 4.30 -4.86
N LEU A 866 -6.57 4.42 -3.53
CA LEU A 866 -5.35 4.68 -2.76
C LEU A 866 -4.31 3.58 -2.95
N VAL A 867 -4.72 2.32 -2.91
CA VAL A 867 -3.76 1.23 -3.12
C VAL A 867 -3.19 1.28 -4.53
N GLN A 868 -4.06 1.31 -5.55
CA GLN A 868 -3.57 1.35 -6.92
C GLN A 868 -2.57 2.48 -7.11
N TYR A 869 -2.86 3.65 -6.54
CA TYR A 869 -1.98 4.79 -6.71
C TYR A 869 -0.69 4.65 -5.92
N PHE A 870 -0.75 4.09 -4.71
CA PHE A 870 0.49 3.92 -3.94
C PHE A 870 1.40 2.89 -4.57
N PHE A 871 0.88 2.05 -5.47
CA PHE A 871 1.79 1.16 -6.19
C PHE A 871 2.28 1.79 -7.50
N TYR A 872 1.40 2.50 -8.20
CA TYR A 872 1.78 3.11 -9.48
C TYR A 872 2.78 4.24 -9.26
N LYS A 873 2.55 5.07 -8.24
CA LYS A 873 3.39 6.23 -7.98
C LYS A 873 4.82 5.84 -7.62
N ASN A 874 5.06 4.58 -7.24
CA ASN A 874 6.40 4.12 -6.92
C ASN A 874 7.01 3.26 -8.02
N LEU A 875 6.20 2.47 -8.74
CA LEU A 875 6.75 1.84 -9.93
C LEU A 875 7.22 2.86 -10.95
N CYS A 876 6.42 3.89 -11.21
CA CYS A 876 6.84 4.94 -12.13
C CYS A 876 8.04 5.71 -11.59
N PHE A 877 8.24 5.67 -10.27
CA PHE A 877 9.36 6.38 -9.65
C PHE A 877 10.66 5.60 -9.76
N ILE A 878 10.58 4.27 -9.67
CA ILE A 878 11.80 3.45 -9.64
C ILE A 878 12.09 2.74 -10.95
N LEU A 879 11.24 2.89 -11.98
CA LEU A 879 11.61 2.34 -13.28
C LEU A 879 12.81 3.07 -13.89
N PRO A 880 12.80 4.39 -14.01
CA PRO A 880 13.99 5.08 -14.54
C PRO A 880 15.26 4.78 -13.77
N GLN A 881 15.19 4.79 -12.44
CA GLN A 881 16.35 4.49 -11.61
C GLN A 881 16.91 3.09 -11.87
N PHE A 882 16.19 2.27 -12.64
CA PHE A 882 16.72 0.98 -13.07
C PHE A 882 17.18 1.02 -14.52
N LEU A 883 16.32 1.51 -15.42
CA LEU A 883 16.75 1.71 -16.81
C LEU A 883 18.11 2.37 -16.88
N TYR A 884 18.38 3.32 -15.99
CA TYR A 884 19.67 4.02 -15.99
C TYR A 884 20.84 3.07 -15.79
N GLN A 885 20.64 1.96 -15.11
CA GLN A 885 21.77 1.07 -14.85
C GLN A 885 22.45 0.61 -16.13
N PHE A 886 21.74 0.63 -17.26
CA PHE A 886 22.35 0.21 -18.51
C PHE A 886 23.33 1.24 -19.05
N PHE A 887 23.15 2.52 -18.73
CA PHE A 887 24.05 3.56 -19.18
C PHE A 887 25.13 3.90 -18.16
N CYS A 888 24.99 3.45 -16.93
CA CYS A 888 26.09 3.41 -15.99
C CYS A 888 26.84 2.09 -16.16
N GLY A 889 27.84 1.87 -15.33
CA GLY A 889 28.54 0.59 -15.37
C GLY A 889 27.93 -0.41 -14.42
N PHE A 890 26.59 -0.45 -14.37
CA PHE A 890 25.88 -1.26 -13.39
C PHE A 890 26.45 -1.05 -11.99
N SER A 891 26.84 0.19 -11.70
CA SER A 891 27.51 0.51 -10.45
C SER A 891 26.55 0.94 -9.36
N GLN A 892 25.24 0.90 -9.60
CA GLN A 892 24.25 1.16 -8.55
C GLN A 892 24.18 2.66 -8.22
N GLN A 893 24.59 3.50 -9.16
CA GLN A 893 24.56 4.94 -8.97
C GLN A 893 23.12 5.45 -9.06
N PRO A 894 22.51 5.88 -7.97
CA PRO A 894 21.13 6.35 -8.03
C PRO A 894 20.99 7.59 -8.90
N LEU A 895 20.09 7.50 -9.87
CA LEU A 895 19.89 8.61 -10.80
C LEU A 895 19.56 9.91 -10.06
N TYR A 896 18.69 9.84 -9.05
CA TYR A 896 18.24 11.01 -8.31
C TYR A 896 19.20 11.34 -7.18
N ASP A 897 19.05 12.55 -6.65
CA ASP A 897 19.85 12.97 -5.51
C ASP A 897 19.48 12.15 -4.29
N ALA A 898 20.23 12.35 -3.19
CA ALA A 898 19.98 11.57 -1.98
C ALA A 898 18.89 12.16 -1.11
N ALA A 899 18.47 13.40 -1.38
CA ALA A 899 17.37 13.99 -0.63
C ALA A 899 16.02 13.72 -1.28
N TYR A 900 15.97 13.62 -2.60
CA TYR A 900 14.72 13.35 -3.29
C TYR A 900 14.24 11.92 -3.06
N LEU A 901 15.15 10.94 -3.09
CA LEU A 901 14.76 9.57 -2.78
C LEU A 901 14.11 9.49 -1.40
N THR A 902 14.51 10.37 -0.48
CA THR A 902 13.98 10.33 0.88
C THR A 902 12.69 11.13 1.02
N MET A 903 12.55 12.21 0.25
CA MET A 903 11.42 13.12 0.42
C MET A 903 10.25 12.85 -0.51
N TYR A 904 10.46 12.09 -1.58
CA TYR A 904 9.37 11.83 -2.53
C TYR A 904 8.12 11.32 -1.82
N ASN A 905 8.22 10.16 -1.18
CA ASN A 905 7.08 9.55 -0.52
C ASN A 905 6.60 10.31 0.71
N ILE A 906 7.38 11.25 1.21
CA ILE A 906 7.03 11.94 2.45
C ILE A 906 6.27 13.22 2.17
N CYS A 907 6.87 14.16 1.45
CA CYS A 907 6.29 15.48 1.26
C CYS A 907 5.84 15.75 -0.17
N PHE A 908 6.66 15.37 -1.14
CA PHE A 908 6.35 15.68 -2.55
C PHE A 908 5.00 15.09 -2.99
N THR A 909 4.87 13.76 -3.05
CA THR A 909 3.60 13.19 -3.55
C THR A 909 2.84 12.35 -2.51
N SER A 910 3.15 12.43 -1.23
CA SER A 910 2.39 11.61 -0.26
C SER A 910 1.33 12.44 0.45
N LEU A 911 1.16 13.71 0.08
CA LEU A 911 0.15 14.57 0.75
C LEU A 911 -1.19 14.47 0.02
N PRO A 912 -1.23 14.65 -1.32
CA PRO A 912 -2.48 14.60 -2.09
C PRO A 912 -3.35 13.34 -1.89
N ILE A 913 -2.79 12.16 -2.17
CA ILE A 913 -3.54 10.91 -2.07
C ILE A 913 -4.17 10.72 -0.71
N LEU A 914 -3.52 11.17 0.36
CA LEU A 914 -4.14 11.09 1.68
C LEU A 914 -5.43 11.89 1.74
N ALA A 915 -5.39 13.16 1.33
CA ALA A 915 -6.60 13.97 1.32
C ALA A 915 -7.66 13.43 0.38
N TYR A 916 -7.27 12.91 -0.79
CA TYR A 916 -8.24 12.27 -1.66
C TYR A 916 -8.92 11.11 -0.96
N SER A 917 -8.15 10.11 -0.55
CA SER A 917 -8.70 8.97 0.18
C SER A 917 -9.56 9.37 1.37
N LEU A 918 -9.26 10.51 2.00
CA LEU A 918 -10.02 10.90 3.19
C LEU A 918 -11.29 11.68 2.88
N LEU A 919 -11.37 12.38 1.74
CA LEU A 919 -12.60 13.09 1.40
C LEU A 919 -12.70 13.15 -0.12
N GLU A 920 -13.46 12.20 -0.69
CA GLU A 920 -13.74 12.22 -2.13
C GLU A 920 -14.94 11.29 -2.37
N GLN A 921 -16.05 11.88 -2.83
CA GLN A 921 -17.24 11.11 -3.17
C GLN A 921 -17.20 10.64 -4.62
N HIS A 922 -16.93 9.35 -4.83
CA HIS A 922 -16.97 8.79 -6.17
C HIS A 922 -18.25 9.20 -6.89
N ILE A 923 -19.40 9.03 -6.24
CA ILE A 923 -20.68 9.52 -6.73
C ILE A 923 -21.40 10.17 -5.57
N ASN A 924 -21.86 11.41 -5.77
CA ASN A 924 -22.51 12.18 -4.72
C ASN A 924 -23.43 11.30 -3.88
N ILE A 925 -23.27 11.37 -2.56
CA ILE A 925 -23.96 10.44 -1.68
C ILE A 925 -25.47 10.63 -1.78
N ASP A 926 -25.93 11.86 -1.96
CA ASP A 926 -27.37 12.09 -2.12
C ASP A 926 -27.96 11.32 -3.28
N THR A 927 -27.13 10.81 -4.19
CA THR A 927 -27.58 9.94 -5.27
C THR A 927 -27.23 8.48 -5.04
N LEU A 928 -26.28 8.20 -4.15
CA LEU A 928 -25.91 6.80 -3.88
C LEU A 928 -27.02 6.06 -3.15
N THR A 929 -27.68 6.70 -2.17
CA THR A 929 -28.72 6.04 -1.41
C THR A 929 -30.08 6.12 -2.07
N SER A 930 -30.25 6.96 -3.10
CA SER A 930 -31.53 7.06 -3.77
C SER A 930 -31.65 6.09 -4.93
N ASP A 931 -30.53 5.61 -5.45
CA ASP A 931 -30.50 4.64 -6.54
C ASP A 931 -29.63 3.47 -6.12
N PRO A 932 -30.19 2.47 -5.43
CA PRO A 932 -29.34 1.37 -4.93
C PRO A 932 -28.81 0.46 -6.02
N ARG A 933 -29.07 0.76 -7.30
CA ARG A 933 -28.52 -0.05 -8.38
C ARG A 933 -27.01 0.09 -8.48
N LEU A 934 -26.47 1.25 -8.12
CA LEU A 934 -25.04 1.52 -8.27
C LEU A 934 -24.17 0.53 -7.51
N TYR A 935 -24.64 -0.01 -6.38
CA TYR A 935 -23.82 -0.91 -5.58
C TYR A 935 -23.36 -2.12 -6.39
N MET A 936 -23.92 -2.35 -7.58
CA MET A 936 -23.54 -3.50 -8.37
C MET A 936 -22.30 -3.24 -9.22
N LYS A 937 -21.74 -2.03 -9.19
CA LYS A 937 -20.56 -1.75 -10.00
C LYS A 937 -19.27 -2.09 -9.26
N ILE A 938 -19.33 -2.19 -7.93
CA ILE A 938 -18.15 -2.52 -7.13
C ILE A 938 -18.43 -3.75 -6.30
N SER A 939 -19.27 -4.66 -6.82
CA SER A 939 -19.68 -5.81 -6.03
C SER A 939 -18.61 -6.88 -6.01
N GLY A 940 -18.13 -7.30 -7.17
CA GLY A 940 -17.16 -8.37 -7.25
C GLY A 940 -15.73 -7.93 -7.08
N ASN A 941 -15.47 -7.00 -6.16
CA ASN A 941 -14.13 -6.49 -5.92
C ASN A 941 -13.51 -5.94 -7.20
N ALA A 942 -14.35 -5.35 -8.05
CA ALA A 942 -13.91 -4.95 -9.39
C ALA A 942 -12.68 -4.06 -9.34
N MET A 943 -12.68 -3.05 -8.47
CA MET A 943 -11.69 -1.98 -8.58
C MET A 943 -10.28 -2.42 -8.24
N LEU A 944 -10.05 -3.70 -7.94
CA LEU A 944 -8.72 -4.21 -7.63
C LEU A 944 -8.51 -5.57 -8.27
N GLN A 945 -9.24 -5.86 -9.34
CA GLN A 945 -9.14 -7.15 -10.00
C GLN A 945 -7.91 -7.18 -10.91
N LEU A 946 -7.79 -8.21 -11.74
CA LEU A 946 -6.60 -8.35 -12.58
C LEU A 946 -6.61 -7.36 -13.74
N GLY A 947 -7.76 -6.79 -14.08
CA GLY A 947 -7.83 -5.84 -15.16
C GLY A 947 -7.17 -4.53 -14.81
N PRO A 948 -7.72 -3.83 -13.81
CA PRO A 948 -7.12 -2.54 -13.41
C PRO A 948 -5.72 -2.69 -12.85
N PHE A 949 -5.39 -3.81 -12.20
CA PHE A 949 -4.03 -3.97 -11.72
C PHE A 949 -3.03 -4.01 -12.87
N LEU A 950 -3.46 -4.52 -14.03
CA LEU A 950 -2.58 -4.49 -15.20
C LEU A 950 -2.72 -3.19 -15.97
N TYR A 951 -3.78 -2.43 -15.78
CA TYR A 951 -3.86 -1.12 -16.41
C TYR A 951 -3.00 -0.11 -15.66
N TRP A 952 -2.78 -0.32 -14.37
CA TRP A 952 -1.92 0.57 -13.61
C TRP A 952 -0.47 0.13 -13.65
N THR A 953 -0.21 -1.16 -13.89
CA THR A 953 1.16 -1.63 -14.03
C THR A 953 1.66 -1.57 -15.47
N PHE A 954 0.79 -1.25 -16.43
CA PHE A 954 1.23 -0.93 -17.77
C PHE A 954 1.13 0.56 -18.08
N LEU A 955 0.64 1.36 -17.14
CA LEU A 955 0.77 2.80 -17.28
C LEU A 955 2.05 3.29 -16.62
N ALA A 956 2.40 2.72 -15.47
CA ALA A 956 3.67 3.05 -14.83
C ALA A 956 4.85 2.57 -15.65
N ALA A 957 4.81 1.32 -16.13
CA ALA A 957 5.88 0.79 -16.95
C ALA A 957 5.95 1.42 -18.33
N PHE A 958 5.11 2.43 -18.58
CA PHE A 958 5.19 3.19 -19.83
C PHE A 958 5.64 4.62 -19.55
N GLU A 959 5.08 5.25 -18.51
CA GLU A 959 5.53 6.58 -18.13
C GLU A 959 6.97 6.55 -17.66
N GLY A 960 7.39 5.47 -17.01
CA GLY A 960 8.75 5.38 -16.51
C GLY A 960 9.78 5.13 -17.59
N THR A 961 9.34 4.69 -18.77
CA THR A 961 10.21 4.65 -19.93
C THR A 961 10.17 5.93 -20.74
N VAL A 962 8.99 6.54 -20.85
CA VAL A 962 8.90 7.83 -21.53
C VAL A 962 9.79 8.85 -20.84
N PHE A 963 9.63 9.05 -19.54
CA PHE A 963 10.49 9.99 -18.82
C PHE A 963 11.95 9.79 -19.20
N PHE A 964 12.48 8.60 -18.92
CA PHE A 964 13.90 8.35 -19.10
C PHE A 964 14.33 8.56 -20.54
N PHE A 965 13.77 7.80 -21.47
CA PHE A 965 14.26 7.88 -22.84
C PHE A 965 13.99 9.22 -23.50
N GLY A 966 12.92 9.92 -23.11
CA GLY A 966 12.66 11.23 -23.69
C GLY A 966 13.53 12.32 -23.10
N THR A 967 14.17 12.06 -21.95
CA THR A 967 15.25 12.96 -21.54
C THR A 967 16.60 12.53 -22.09
N TYR A 968 16.82 11.23 -22.26
CA TYR A 968 18.06 10.74 -22.85
C TYR A 968 18.22 11.24 -24.28
N PHE A 969 17.18 11.14 -25.08
CA PHE A 969 17.21 11.73 -26.42
C PHE A 969 17.37 13.25 -26.34
N LEU A 970 16.95 13.86 -25.24
CA LEU A 970 17.08 15.31 -25.10
C LEU A 970 18.51 15.70 -24.74
N PHE A 971 19.30 14.76 -24.22
CA PHE A 971 20.70 15.04 -23.89
C PHE A 971 21.67 14.60 -24.97
N GLN A 972 21.29 14.70 -26.24
CA GLN A 972 22.19 14.42 -27.35
C GLN A 972 22.59 15.68 -28.11
N THR A 973 22.51 16.84 -27.44
CA THR A 973 22.75 18.12 -28.08
C THR A 973 24.04 18.80 -27.63
N ALA A 974 24.65 18.38 -26.54
CA ALA A 974 25.88 18.91 -25.97
C ALA A 974 25.68 20.27 -25.30
N SER A 975 24.48 20.85 -25.34
CA SER A 975 24.21 22.10 -24.65
C SER A 975 22.73 22.44 -24.72
N LEU A 976 22.21 23.10 -23.68
CA LEU A 976 20.79 23.44 -23.61
C LEU A 976 20.56 24.89 -23.21
N GLU A 977 21.62 25.70 -23.12
CA GLU A 977 21.50 27.09 -22.77
C GLU A 977 22.00 27.95 -23.92
N GLU A 978 21.47 29.17 -23.99
CA GLU A 978 21.89 30.11 -25.03
C GLU A 978 23.36 30.46 -24.96
N ASN A 979 24.00 30.27 -23.80
CA ASN A 979 25.42 30.52 -23.63
C ASN A 979 26.27 29.25 -23.70
N GLY A 980 25.70 28.15 -24.16
CA GLY A 980 26.46 26.93 -24.40
C GLY A 980 27.22 26.39 -23.22
N LYS A 981 26.54 25.89 -22.21
CA LYS A 981 27.17 25.26 -21.06
C LYS A 981 26.58 23.88 -20.84
N VAL A 982 27.42 22.94 -20.42
CA VAL A 982 27.06 21.54 -20.30
C VAL A 982 26.21 21.32 -19.07
N TYR A 983 25.62 20.13 -18.98
CA TYR A 983 24.81 19.73 -17.85
C TYR A 983 25.29 18.40 -17.27
N GLY A 984 25.51 18.39 -15.97
CA GLY A 984 26.05 17.24 -15.27
C GLY A 984 25.10 16.07 -15.26
N ASN A 985 25.33 15.14 -14.34
CA ASN A 985 24.47 13.98 -14.18
C ASN A 985 23.45 14.15 -13.05
N TRP A 986 23.49 15.28 -12.34
CA TRP A 986 22.45 15.60 -11.39
C TRP A 986 21.30 16.36 -12.03
N THR A 987 21.56 17.08 -13.13
CA THR A 987 20.50 17.69 -13.90
C THR A 987 19.66 16.65 -14.65
N PHE A 988 20.28 15.53 -15.05
CA PHE A 988 19.51 14.40 -15.54
C PHE A 988 18.47 13.97 -14.50
N GLY A 989 18.94 13.67 -13.29
CA GLY A 989 18.05 13.32 -12.19
C GLY A 989 17.00 14.36 -11.90
N THR A 990 17.35 15.65 -11.90
CA THR A 990 16.38 16.67 -11.56
C THR A 990 15.34 16.87 -12.65
N ILE A 991 15.73 16.82 -13.92
CA ILE A 991 14.74 16.89 -14.98
C ILE A 991 13.78 15.71 -14.90
N VAL A 992 14.32 14.49 -14.76
CA VAL A 992 13.44 13.33 -14.68
C VAL A 992 12.55 13.41 -13.45
N PHE A 993 13.04 13.93 -12.33
CA PHE A 993 12.23 14.01 -11.14
C PHE A 993 11.14 15.07 -11.24
N THR A 994 11.43 16.22 -11.86
CA THR A 994 10.37 17.19 -12.10
C THR A 994 9.29 16.61 -12.99
N VAL A 995 9.69 15.97 -14.10
CA VAL A 995 8.70 15.34 -14.96
C VAL A 995 7.89 14.31 -14.18
N LEU A 996 8.55 13.51 -13.34
CA LEU A 996 7.87 12.46 -12.61
C LEU A 996 6.86 13.01 -11.61
N VAL A 997 7.27 13.98 -10.80
CA VAL A 997 6.35 14.56 -9.82
C VAL A 997 5.18 15.22 -10.51
N PHE A 998 5.44 16.01 -11.55
CA PHE A 998 4.33 16.65 -12.23
C PHE A 998 3.37 15.64 -12.83
N THR A 999 3.87 14.55 -13.41
CA THR A 999 2.97 13.57 -14.01
C THR A 999 2.18 12.81 -12.96
N VAL A 1000 2.83 12.38 -11.87
CA VAL A 1000 2.12 11.61 -10.86
C VAL A 1000 1.27 12.50 -9.96
N THR A 1001 1.34 13.82 -10.12
CA THR A 1001 0.33 14.66 -9.48
C THR A 1001 -0.81 14.99 -10.43
N LEU A 1002 -0.51 15.19 -11.72
CA LEU A 1002 -1.58 15.45 -12.67
C LEU A 1002 -2.45 14.23 -12.93
N LYS A 1003 -1.90 13.02 -12.78
CA LYS A 1003 -2.74 11.84 -12.89
C LYS A 1003 -3.85 11.84 -11.84
N LEU A 1004 -3.49 12.08 -10.58
CA LEU A 1004 -4.49 12.20 -9.53
C LEU A 1004 -5.39 13.42 -9.71
N ALA A 1005 -4.86 14.54 -10.20
CA ALA A 1005 -5.71 15.69 -10.46
C ALA A 1005 -6.70 15.43 -11.59
N LEU A 1006 -6.42 14.47 -12.47
CA LEU A 1006 -7.40 14.06 -13.46
C LEU A 1006 -8.37 13.01 -12.91
N ASP A 1007 -7.91 12.14 -12.01
CA ASP A 1007 -8.76 11.10 -11.46
C ASP A 1007 -9.75 11.62 -10.41
N THR A 1008 -9.39 12.64 -9.66
CA THR A 1008 -10.29 13.17 -8.64
C THR A 1008 -11.50 13.84 -9.29
N ARG A 1009 -12.70 13.47 -8.83
CA ARG A 1009 -13.92 14.05 -9.35
C ARG A 1009 -14.78 14.72 -8.28
N PHE A 1010 -14.22 15.01 -7.11
CA PHE A 1010 -14.90 15.79 -6.07
C PHE A 1010 -13.88 16.80 -5.56
N TRP A 1011 -13.93 18.01 -6.11
CA TRP A 1011 -12.93 19.04 -5.82
C TRP A 1011 -13.46 19.93 -4.70
N THR A 1012 -13.02 19.66 -3.48
CA THR A 1012 -13.37 20.50 -2.34
C THR A 1012 -12.38 21.66 -2.24
N TRP A 1013 -12.46 22.40 -1.13
CA TRP A 1013 -11.46 23.42 -0.87
C TRP A 1013 -10.15 22.82 -0.40
N ILE A 1014 -10.17 21.56 0.06
CA ILE A 1014 -8.95 20.91 0.51
C ILE A 1014 -8.20 20.22 -0.60
N ASN A 1015 -8.90 19.74 -1.64
CA ASN A 1015 -8.21 19.04 -2.73
C ASN A 1015 -7.43 20.00 -3.60
N HIS A 1016 -8.05 21.09 -4.07
CA HIS A 1016 -7.28 22.13 -4.75
C HIS A 1016 -6.06 22.51 -3.94
N PHE A 1017 -6.27 22.87 -2.67
CA PHE A 1017 -5.18 23.33 -1.82
C PHE A 1017 -4.06 22.30 -1.78
N VAL A 1018 -4.37 21.07 -1.36
CA VAL A 1018 -3.32 20.08 -1.16
C VAL A 1018 -2.63 19.73 -2.48
N ILE A 1019 -3.39 19.51 -3.56
CA ILE A 1019 -2.75 19.16 -4.83
C ILE A 1019 -1.82 20.27 -5.29
N TRP A 1020 -2.37 21.47 -5.55
CA TRP A 1020 -1.51 22.54 -6.03
C TRP A 1020 -0.40 22.89 -5.05
N GLY A 1021 -0.60 22.64 -3.76
CA GLY A 1021 0.44 22.92 -2.79
C GLY A 1021 1.55 21.91 -2.88
N SER A 1022 1.24 20.66 -3.24
CA SER A 1022 2.32 19.70 -3.45
C SER A 1022 3.27 20.16 -4.55
N LEU A 1023 2.73 20.67 -5.67
CA LEU A 1023 3.57 21.15 -6.75
C LEU A 1023 4.32 22.42 -6.35
N ALA A 1024 3.61 23.39 -5.76
CA ALA A 1024 4.28 24.60 -5.32
C ALA A 1024 5.39 24.32 -4.31
N PHE A 1025 5.20 23.37 -3.40
CA PHE A 1025 6.22 23.03 -2.43
C PHE A 1025 7.36 22.25 -3.05
N TYR A 1026 7.08 21.38 -4.02
CA TYR A 1026 8.17 20.77 -4.77
C TYR A 1026 9.06 21.84 -5.39
N VAL A 1027 8.46 22.84 -6.05
CA VAL A 1027 9.25 23.88 -6.67
C VAL A 1027 10.03 24.68 -5.63
N PHE A 1028 9.35 25.14 -4.58
CA PHE A 1028 10.02 25.95 -3.57
C PHE A 1028 11.14 25.17 -2.89
N PHE A 1029 10.96 23.86 -2.71
CA PHE A 1029 12.00 23.08 -2.06
C PHE A 1029 13.18 22.85 -3.00
N SER A 1030 12.92 22.54 -4.26
CA SER A 1030 14.00 22.47 -5.22
C SER A 1030 14.80 23.76 -5.23
N PHE A 1031 14.12 24.91 -5.09
CA PHE A 1031 14.81 26.19 -5.05
C PHE A 1031 15.60 26.41 -3.77
N PHE A 1032 15.05 26.03 -2.62
CA PHE A 1032 15.65 26.40 -1.34
C PHE A 1032 16.73 25.42 -0.91
N TRP A 1033 16.55 24.14 -1.20
CA TRP A 1033 17.60 23.16 -0.89
C TRP A 1033 18.86 23.47 -1.67
N GLY A 1034 18.72 23.89 -2.92
CA GLY A 1034 19.84 24.28 -3.74
C GLY A 1034 19.95 25.78 -3.91
N GLY A 1035 20.99 26.38 -3.33
CA GLY A 1035 21.15 27.81 -3.37
C GLY A 1035 21.75 28.38 -2.11
N ILE A 1036 21.90 27.55 -1.08
CA ILE A 1036 22.52 27.96 0.18
C ILE A 1036 23.40 26.82 0.68
N ILE A 1037 24.69 27.11 0.87
CA ILE A 1037 25.63 26.18 1.49
C ILE A 1037 25.55 26.38 2.99
N TRP A 1038 25.22 25.31 3.72
CA TRP A 1038 24.86 25.46 5.13
C TRP A 1038 26.05 25.90 5.97
N PRO A 1039 27.14 25.14 6.06
CA PRO A 1039 27.27 23.77 5.54
C PRO A 1039 27.14 22.72 6.63
N PHE A 1040 26.20 21.78 6.47
CA PHE A 1040 26.20 20.58 7.29
C PHE A 1040 26.14 19.32 6.44
N LEU A 1041 26.18 19.46 5.12
CA LEU A 1041 26.21 18.34 4.19
C LEU A 1041 27.65 17.96 3.84
N LYS A 1042 27.95 16.68 3.96
CA LYS A 1042 29.25 16.14 3.55
C LYS A 1042 29.50 16.26 2.05
N GLN A 1043 28.55 16.82 1.30
CA GLN A 1043 28.63 16.87 -0.15
C GLN A 1043 27.75 17.98 -0.68
N GLN A 1044 28.14 18.54 -1.82
CA GLN A 1044 27.45 19.65 -2.47
C GLN A 1044 27.01 19.26 -3.86
N ARG A 1045 26.41 18.07 -3.98
CA ARG A 1045 25.98 17.58 -5.29
C ARG A 1045 24.95 18.49 -5.95
N MET A 1046 23.83 18.74 -5.28
CA MET A 1046 22.69 19.44 -5.87
C MET A 1046 22.66 20.93 -5.54
N TYR A 1047 23.83 21.56 -5.45
CA TYR A 1047 23.89 22.94 -5.00
C TYR A 1047 23.00 23.84 -5.85
N PHE A 1048 23.32 23.98 -7.14
CA PHE A 1048 22.58 24.90 -8.00
C PHE A 1048 22.07 24.19 -9.25
N VAL A 1049 21.47 23.01 -9.08
CA VAL A 1049 21.06 22.23 -10.24
C VAL A 1049 19.67 22.66 -10.73
N PHE A 1050 18.73 22.87 -9.80
CA PHE A 1050 17.37 23.14 -10.21
C PHE A 1050 17.19 24.54 -10.79
N ALA A 1051 18.02 25.50 -10.38
CA ALA A 1051 17.92 26.83 -10.98
C ALA A 1051 18.53 26.85 -12.38
N GLN A 1052 19.79 26.41 -12.50
CA GLN A 1052 20.44 26.39 -13.79
C GLN A 1052 19.72 25.46 -14.76
N MET A 1053 18.93 24.52 -14.24
CA MET A 1053 18.17 23.64 -15.11
C MET A 1053 17.01 24.37 -15.77
N LEU A 1054 16.24 25.12 -14.98
CA LEU A 1054 15.10 25.86 -15.50
C LEU A 1054 15.49 27.20 -16.11
N SER A 1055 16.77 27.57 -16.05
CA SER A 1055 17.25 28.78 -16.70
C SER A 1055 17.49 28.58 -18.20
N SER A 1056 16.98 27.49 -18.77
CA SER A 1056 17.10 27.22 -20.20
C SER A 1056 15.72 27.31 -20.83
N VAL A 1057 15.68 27.42 -22.16
CA VAL A 1057 14.39 27.53 -22.84
C VAL A 1057 13.97 26.18 -23.41
N SER A 1058 14.92 25.30 -23.72
CA SER A 1058 14.56 23.98 -24.25
C SER A 1058 14.14 23.00 -23.16
N THR A 1059 14.53 23.25 -21.91
CA THR A 1059 14.11 22.39 -20.81
C THR A 1059 12.63 22.53 -20.51
N TRP A 1060 12.12 23.76 -20.43
CA TRP A 1060 10.69 23.96 -20.25
C TRP A 1060 9.89 23.26 -21.35
N LEU A 1061 10.36 23.36 -22.59
CA LEU A 1061 9.65 22.74 -23.71
C LEU A 1061 9.71 21.21 -23.62
N ALA A 1062 10.88 20.66 -23.34
CA ALA A 1062 10.97 19.21 -23.20
C ALA A 1062 10.07 18.70 -22.08
N ILE A 1063 10.00 19.42 -20.96
CA ILE A 1063 9.19 18.98 -19.84
C ILE A 1063 7.70 19.10 -20.15
N ILE A 1064 7.30 20.19 -20.83
CA ILE A 1064 5.90 20.36 -21.17
C ILE A 1064 5.49 19.36 -22.24
N LEU A 1065 6.45 18.83 -22.99
CA LEU A 1065 6.14 17.78 -23.95
C LEU A 1065 6.06 16.42 -23.28
N LEU A 1066 6.93 16.16 -22.30
CA LEU A 1066 6.92 14.86 -21.63
C LEU A 1066 5.73 14.70 -20.69
N ILE A 1067 5.35 15.74 -19.96
CA ILE A 1067 4.20 15.68 -19.06
C ILE A 1067 2.90 15.49 -19.84
N PHE A 1068 2.95 15.58 -21.17
CA PHE A 1068 1.79 15.34 -22.02
C PHE A 1068 1.88 14.03 -22.76
N ILE A 1069 3.06 13.67 -23.27
CA ILE A 1069 3.24 12.34 -23.84
C ILE A 1069 2.98 11.28 -22.77
N SER A 1070 3.16 11.62 -21.50
CA SER A 1070 2.88 10.67 -20.43
C SER A 1070 1.39 10.59 -20.12
N LEU A 1071 0.69 11.73 -20.08
CA LEU A 1071 -0.72 11.77 -19.76
C LEU A 1071 -1.61 11.51 -20.98
N PHE A 1072 -1.02 11.23 -22.13
CA PHE A 1072 -1.81 10.88 -23.30
C PHE A 1072 -2.71 9.67 -23.06
N PRO A 1073 -2.19 8.59 -22.47
CA PRO A 1073 -3.04 7.40 -22.28
C PRO A 1073 -4.30 7.66 -21.49
N GLU A 1074 -4.23 8.45 -20.42
CA GLU A 1074 -5.41 8.76 -19.63
C GLU A 1074 -6.42 9.61 -20.39
N ILE A 1075 -5.97 10.69 -21.02
CA ILE A 1075 -6.88 11.52 -21.80
C ILE A 1075 -7.50 10.72 -22.95
N LEU A 1076 -6.80 9.68 -23.44
CA LEU A 1076 -7.36 8.87 -24.50
C LEU A 1076 -8.39 7.89 -23.96
N LEU A 1077 -8.06 7.20 -22.86
CA LEU A 1077 -9.02 6.31 -22.23
C LEU A 1077 -10.29 7.03 -21.82
N ILE A 1078 -10.20 8.30 -21.40
CA ILE A 1078 -11.41 9.05 -21.07
C ILE A 1078 -12.30 9.19 -22.29
N VAL A 1079 -11.73 9.71 -23.39
CA VAL A 1079 -12.52 9.94 -24.60
C VAL A 1079 -13.05 8.64 -25.19
N LEU A 1080 -12.40 7.51 -24.91
CA LEU A 1080 -12.91 6.25 -25.44
C LEU A 1080 -13.87 5.42 -24.59
N LYS A 1081 -13.73 5.53 -23.27
CA LYS A 1081 -14.53 4.74 -22.29
C LYS A 1081 -15.73 5.64 -22.01
N ASN A 1082 -15.98 6.62 -22.88
CA ASN A 1082 -17.13 7.55 -22.72
C ASN A 1082 -18.20 7.21 -23.78
N VAL A 1083 -17.89 7.50 -25.05
CA VAL A 1083 -18.84 7.22 -26.17
C VAL A 1083 -19.01 5.70 -26.27
N ARG A 1084 -20.25 5.24 -26.50
CA ARG A 1084 -20.54 3.78 -26.62
C ARG A 1084 -19.93 3.03 -25.43
N ARG B 27 -27.93 18.29 19.98
CA ARG B 27 -27.38 16.97 20.24
C ARG B 27 -26.56 16.47 19.06
N PRO B 28 -27.20 16.32 17.89
CA PRO B 28 -26.46 15.88 16.70
C PRO B 28 -25.50 16.93 16.20
N ASP B 29 -24.21 16.62 16.20
CA ASP B 29 -23.20 17.59 15.77
C ASP B 29 -23.29 17.81 14.26
N ASN B 30 -24.00 18.85 13.86
CA ASN B 30 -24.24 19.14 12.44
C ASN B 30 -23.28 20.23 11.96
N THR B 31 -22.03 19.81 11.74
CA THR B 31 -21.01 20.63 11.11
C THR B 31 -20.87 20.21 9.65
N ALA B 32 -21.11 21.14 8.74
CA ALA B 32 -21.27 20.80 7.33
C ALA B 32 -20.07 20.02 6.79
N PHE B 33 -18.99 19.95 7.56
CA PHE B 33 -17.85 19.14 7.16
C PHE B 33 -18.07 17.67 7.51
N LYS B 34 -18.41 17.39 8.77
CA LYS B 34 -18.52 16.01 9.22
C LYS B 34 -19.63 15.26 8.48
N GLN B 35 -20.69 15.96 8.09
CA GLN B 35 -21.81 15.33 7.40
C GLN B 35 -21.49 14.96 5.96
N GLN B 36 -20.24 15.11 5.53
CA GLN B 36 -19.83 14.72 4.18
C GLN B 36 -20.59 15.52 3.12
N ARG B 37 -20.76 16.82 3.36
CA ARG B 37 -21.54 17.66 2.47
C ARG B 37 -20.83 18.99 2.21
N LEU B 38 -19.50 18.95 2.11
CA LEU B 38 -18.75 20.16 1.81
C LEU B 38 -19.08 20.63 0.39
N PRO B 39 -18.75 21.89 0.07
CA PRO B 39 -18.96 22.37 -1.29
C PRO B 39 -17.94 21.77 -2.24
N ALA B 40 -18.38 21.41 -3.43
CA ALA B 40 -17.54 20.72 -4.39
C ALA B 40 -17.68 21.33 -5.77
N TRP B 41 -16.70 21.04 -6.62
CA TRP B 41 -16.74 21.46 -8.02
C TRP B 41 -17.42 20.42 -8.89
N GLN B 42 -17.11 19.14 -8.68
CA GLN B 42 -17.74 18.05 -9.41
C GLN B 42 -17.67 18.32 -10.91
N PRO B 43 -16.49 18.27 -11.51
CA PRO B 43 -16.39 18.61 -12.93
C PRO B 43 -16.91 17.49 -13.81
N ILE B 44 -17.41 17.86 -14.99
CA ILE B 44 -17.89 16.84 -15.96
C ILE B 44 -17.08 16.99 -17.26
N LEU B 45 -16.09 16.12 -17.44
CA LEU B 45 -15.24 16.17 -18.65
C LEU B 45 -15.48 14.90 -19.47
N THR B 46 -15.87 15.07 -20.73
CA THR B 46 -16.14 13.95 -21.65
C THR B 46 -15.79 14.34 -23.09
N ALA B 47 -16.22 13.51 -24.02
CA ALA B 47 -16.02 13.61 -25.49
C ALA B 47 -16.33 15.02 -26.02
N GLY B 48 -17.56 15.51 -25.81
CA GLY B 48 -17.95 16.80 -26.37
C GLY B 48 -17.27 17.98 -25.72
N THR B 49 -16.56 17.78 -24.61
CA THR B 49 -15.87 18.86 -23.92
C THR B 49 -14.36 18.74 -23.95
N VAL B 50 -13.82 17.61 -24.40
CA VAL B 50 -12.38 17.41 -24.46
C VAL B 50 -11.93 17.36 -25.91
N LEU B 51 -12.85 17.06 -26.82
CA LEU B 51 -12.51 16.99 -28.23
C LEU B 51 -11.78 18.23 -28.73
N PRO B 52 -12.25 19.45 -28.51
CA PRO B 52 -11.47 20.62 -28.96
C PRO B 52 -10.09 20.69 -28.34
N ILE B 53 -9.84 19.97 -27.26
CA ILE B 53 -8.48 19.92 -26.70
C ILE B 53 -7.54 19.18 -27.65
N PHE B 54 -8.01 18.07 -28.24
CA PHE B 54 -7.20 17.34 -29.20
C PHE B 54 -6.93 18.13 -30.48
N PHE B 55 -7.55 19.29 -30.64
CA PHE B 55 -7.27 20.17 -31.77
C PHE B 55 -6.43 21.38 -31.36
N ILE B 56 -6.68 21.93 -30.18
CA ILE B 56 -5.80 22.97 -29.65
C ILE B 56 -4.39 22.43 -29.47
N ILE B 57 -4.26 21.19 -28.98
CA ILE B 57 -2.96 20.57 -28.84
C ILE B 57 -2.23 20.54 -30.18
N GLY B 58 -2.90 20.05 -31.22
CA GLY B 58 -2.26 20.01 -32.53
C GLY B 58 -1.88 21.40 -33.03
N LEU B 59 -2.79 22.35 -32.93
CA LEU B 59 -2.56 23.70 -33.44
C LEU B 59 -1.51 24.46 -32.64
N ILE B 60 -1.19 24.04 -31.43
CA ILE B 60 -0.20 24.74 -30.62
C ILE B 60 1.09 23.95 -30.55
N PHE B 61 1.07 22.72 -31.07
CA PHE B 61 2.26 21.89 -31.07
C PHE B 61 2.90 21.74 -32.45
N ILE B 62 2.16 22.01 -33.52
CA ILE B 62 2.75 21.94 -34.86
C ILE B 62 3.60 23.19 -35.12
N PRO B 63 3.12 24.39 -34.78
CA PRO B 63 3.96 25.57 -35.01
C PRO B 63 5.24 25.56 -34.19
N ILE B 64 5.14 25.24 -32.90
CA ILE B 64 6.35 25.15 -32.07
C ILE B 64 7.25 24.04 -32.58
N GLY B 65 6.67 22.92 -33.02
CA GLY B 65 7.46 21.86 -33.60
C GLY B 65 8.29 22.34 -34.78
N ILE B 66 7.64 23.02 -35.73
CA ILE B 66 8.37 23.50 -36.90
C ILE B 66 9.39 24.56 -36.50
N GLY B 67 9.04 25.39 -35.51
CA GLY B 67 9.99 26.40 -35.06
C GLY B 67 11.27 25.80 -34.52
N ILE B 68 11.14 24.87 -33.57
CA ILE B 68 12.33 24.27 -32.96
C ILE B 68 12.88 23.12 -33.77
N PHE B 69 12.31 22.83 -34.93
CA PHE B 69 12.95 21.92 -35.87
C PHE B 69 13.65 22.66 -37.00
N VAL B 70 13.29 23.93 -37.22
CA VAL B 70 14.06 24.75 -38.16
C VAL B 70 15.22 25.42 -37.44
N THR B 71 15.00 25.85 -36.19
CA THR B 71 16.11 26.41 -35.42
C THR B 71 17.20 25.38 -35.16
N SER B 72 16.80 24.15 -34.83
CA SER B 72 17.76 23.08 -34.64
C SER B 72 18.29 22.53 -35.96
N ASN B 73 17.82 23.05 -37.10
CA ASN B 73 18.34 22.65 -38.39
C ASN B 73 19.25 23.70 -39.00
N ASN B 74 19.10 24.96 -38.61
CA ASN B 74 19.95 26.04 -39.10
C ASN B 74 21.13 26.31 -38.17
N ILE B 75 21.59 25.31 -37.43
CA ILE B 75 22.74 25.43 -36.53
C ILE B 75 23.83 24.52 -37.08
N ARG B 76 25.02 25.07 -37.24
CA ARG B 76 26.12 24.34 -37.86
C ARG B 76 27.08 23.82 -36.81
N GLU B 77 27.76 22.71 -37.15
CA GLU B 77 28.73 22.10 -36.25
C GLU B 77 29.62 21.17 -37.06
N ILE B 78 30.64 20.65 -36.39
CA ILE B 78 31.57 19.72 -37.01
C ILE B 78 32.24 18.92 -35.91
N GLU B 79 32.53 17.64 -36.20
CA GLU B 79 33.19 16.74 -35.26
C GLU B 79 34.40 16.13 -35.94
N ILE B 80 35.59 16.37 -35.39
CA ILE B 80 36.84 15.90 -35.95
C ILE B 80 37.46 14.93 -34.95
N ASP B 81 37.16 13.64 -35.11
CA ASP B 81 37.81 12.63 -34.29
C ASP B 81 39.31 12.63 -34.59
N TYR B 82 40.13 12.54 -33.56
CA TYR B 82 41.58 12.47 -33.71
C TYR B 82 42.18 11.45 -32.75
N THR B 83 41.41 10.42 -32.42
CA THR B 83 41.89 9.39 -31.52
C THR B 83 42.92 8.46 -32.18
N GLY B 84 43.06 8.52 -33.49
CA GLY B 84 43.97 7.61 -34.17
C GLY B 84 43.25 6.33 -34.53
N THR B 85 43.76 5.20 -34.02
CA THR B 85 43.18 3.88 -34.16
C THR B 85 43.35 3.28 -35.55
N GLU B 86 43.90 4.03 -36.51
CA GLU B 86 44.11 3.50 -37.84
C GLU B 86 45.32 4.17 -38.49
N PRO B 87 46.24 3.39 -39.07
CA PRO B 87 47.42 4.00 -39.70
C PRO B 87 47.06 5.10 -40.69
N SER B 88 45.83 5.07 -41.20
CA SER B 88 45.36 6.06 -42.15
C SER B 88 45.05 7.41 -41.49
N SER B 89 45.38 7.57 -40.21
CA SER B 89 45.11 8.83 -39.53
C SER B 89 46.34 9.73 -39.55
N PRO B 90 46.16 11.05 -39.39
CA PRO B 90 47.31 11.95 -39.44
C PRO B 90 48.34 11.68 -38.36
N CYS B 91 47.91 11.37 -37.14
CA CYS B 91 48.87 11.05 -36.09
C CYS B 91 48.57 9.75 -35.37
N ASN B 92 48.26 8.67 -36.10
CA ASN B 92 48.35 7.34 -35.51
C ASN B 92 49.72 7.10 -34.91
N LYS B 93 50.72 7.88 -35.31
CA LYS B 93 52.07 7.84 -34.75
C LYS B 93 52.09 8.00 -33.24
N CYS B 94 51.07 8.64 -32.65
CA CYS B 94 51.02 8.85 -31.21
C CYS B 94 49.99 7.98 -30.52
N LEU B 95 49.43 6.98 -31.20
CA LEU B 95 48.53 6.06 -30.54
C LEU B 95 49.27 5.13 -29.58
N SER B 96 50.60 5.13 -29.69
CA SER B 96 51.50 4.30 -28.84
C SER B 96 52.89 4.96 -28.83
N PRO B 97 53.04 6.18 -28.26
CA PRO B 97 54.30 6.92 -28.24
C PRO B 97 55.07 6.83 -26.93
N ASP B 98 56.24 7.48 -26.89
CA ASP B 98 57.13 7.56 -25.70
C ASP B 98 56.57 8.58 -24.71
N VAL B 99 57.10 8.61 -23.47
CA VAL B 99 56.58 9.54 -22.42
C VAL B 99 57.17 10.93 -22.65
N THR B 100 56.64 11.65 -23.65
CA THR B 100 57.05 13.03 -24.03
C THR B 100 55.85 13.73 -24.68
N PRO B 101 55.85 15.08 -24.80
CA PRO B 101 54.71 15.78 -25.42
C PRO B 101 54.55 15.37 -26.89
N CYS B 102 53.30 15.21 -27.33
CA CYS B 102 53.02 14.79 -28.73
C CYS B 102 52.24 15.89 -29.48
N PHE B 103 52.30 15.87 -30.81
CA PHE B 103 51.61 16.85 -31.64
C PHE B 103 50.94 16.13 -32.81
N CYS B 104 49.89 16.75 -33.34
CA CYS B 104 49.23 16.28 -34.54
C CYS B 104 48.96 17.45 -35.47
N THR B 105 48.34 17.15 -36.60
CA THR B 105 47.81 18.18 -37.49
C THR B 105 46.66 17.53 -38.26
N ILE B 106 45.44 17.79 -37.83
CA ILE B 106 44.25 17.17 -38.40
C ILE B 106 43.57 18.22 -39.25
N ASN B 107 43.81 18.17 -40.56
CA ASN B 107 43.20 19.13 -41.46
C ASN B 107 41.69 18.98 -41.46
N PHE B 108 40.99 20.10 -41.37
CA PHE B 108 39.54 20.12 -41.50
C PHE B 108 39.14 21.40 -42.22
N THR B 109 38.09 21.30 -43.02
CA THR B 109 37.63 22.41 -43.84
C THR B 109 36.16 22.67 -43.56
N LEU B 110 35.81 23.95 -43.51
CA LEU B 110 34.43 24.37 -43.29
C LEU B 110 33.82 24.77 -44.62
N GLU B 111 32.65 24.20 -44.92
CA GLU B 111 31.97 24.53 -46.18
C GLU B 111 31.30 25.89 -46.10
N LYS B 112 30.38 26.05 -45.16
CA LYS B 112 29.71 27.31 -44.92
C LYS B 112 30.15 27.89 -43.57
N SER B 113 30.75 29.06 -43.62
CA SER B 113 31.33 29.66 -42.42
C SER B 113 30.27 29.89 -41.34
N PHE B 114 30.75 30.10 -40.12
CA PHE B 114 29.90 30.39 -38.98
C PHE B 114 29.83 31.89 -38.78
N GLU B 115 28.66 32.40 -38.39
CA GLU B 115 28.44 33.83 -38.28
C GLU B 115 28.32 34.30 -36.84
N GLY B 116 27.48 33.66 -36.03
CA GLY B 116 27.29 34.04 -34.65
C GLY B 116 28.50 33.67 -33.79
N ASN B 117 28.25 33.48 -32.51
CA ASN B 117 29.29 33.02 -31.59
C ASN B 117 29.50 31.52 -31.77
N VAL B 118 30.77 31.11 -31.74
CA VAL B 118 31.12 29.72 -31.92
C VAL B 118 31.77 29.20 -30.64
N PHE B 119 31.38 27.98 -30.26
CA PHE B 119 31.86 27.35 -29.04
C PHE B 119 32.59 26.07 -29.42
N MET B 120 33.76 25.86 -28.84
CA MET B 120 34.54 24.66 -29.12
C MET B 120 34.46 23.70 -27.93
N TYR B 121 33.93 22.52 -28.17
CA TYR B 121 33.82 21.48 -27.15
C TYR B 121 34.95 20.48 -27.33
N TYR B 122 35.01 19.51 -26.41
CA TYR B 122 35.90 18.37 -26.55
C TYR B 122 35.19 17.16 -25.97
N GLY B 123 34.72 16.27 -26.83
CA GLY B 123 33.93 15.13 -26.44
C GLY B 123 34.82 13.93 -26.14
N LEU B 124 34.21 12.91 -25.55
CA LEU B 124 34.87 11.62 -25.32
C LEU B 124 33.91 10.50 -25.66
N SER B 125 34.34 9.27 -25.45
CA SER B 125 33.54 8.09 -25.75
C SER B 125 33.88 6.98 -24.78
N ASN B 126 32.88 6.20 -24.43
CA ASN B 126 33.04 5.06 -23.53
C ASN B 126 33.86 5.42 -22.29
N PHE B 127 33.73 6.65 -21.81
CA PHE B 127 34.40 7.10 -20.59
C PHE B 127 33.34 7.28 -19.51
N TYR B 128 33.15 6.25 -18.69
CA TYR B 128 32.06 6.22 -17.72
C TYR B 128 32.41 7.15 -16.56
N GLN B 129 32.10 8.43 -16.76
CA GLN B 129 32.26 9.41 -15.69
C GLN B 129 31.06 9.45 -14.75
N ASN B 130 30.07 8.59 -14.96
CA ASN B 130 28.91 8.51 -14.08
C ASN B 130 28.95 7.27 -13.19
N HIS B 131 30.04 6.51 -13.21
CA HIS B 131 30.17 5.35 -12.35
C HIS B 131 29.95 5.75 -10.90
N ARG B 132 29.58 4.77 -10.07
CA ARG B 132 29.36 5.05 -8.66
C ARG B 132 30.68 5.20 -7.93
N ARG B 133 31.59 4.25 -8.11
CA ARG B 133 32.91 4.35 -7.51
C ARG B 133 33.68 5.57 -7.98
N TYR B 134 33.14 6.29 -8.96
CA TYR B 134 33.83 7.43 -9.56
C TYR B 134 33.13 8.76 -9.32
N VAL B 135 31.79 8.78 -9.33
CA VAL B 135 31.07 10.03 -9.19
C VAL B 135 31.13 10.56 -7.76
N LYS B 136 31.49 9.70 -6.80
CA LYS B 136 31.61 10.12 -5.42
C LYS B 136 33.05 10.33 -4.99
N SER B 137 34.02 10.05 -5.87
CA SER B 137 35.43 10.21 -5.53
C SER B 137 35.81 11.69 -5.52
N ARG B 138 35.41 12.41 -4.48
CA ARG B 138 35.71 13.83 -4.35
C ARG B 138 35.28 14.29 -2.97
N ASP B 139 36.02 15.28 -2.45
CA ASP B 139 35.74 15.87 -1.14
C ASP B 139 35.26 17.30 -1.39
N ASP B 140 33.94 17.52 -1.30
CA ASP B 140 33.37 18.81 -1.65
C ASP B 140 33.74 19.90 -0.65
N SER B 141 33.80 19.57 0.64
CA SER B 141 34.24 20.55 1.63
C SER B 141 35.60 21.12 1.27
N GLN B 142 36.55 20.27 0.88
CA GLN B 142 37.87 20.75 0.50
C GLN B 142 37.79 21.73 -0.66
N LEU B 143 37.25 21.29 -1.80
CA LEU B 143 37.13 22.16 -2.96
C LEU B 143 36.37 23.45 -2.64
N ASN B 144 35.51 23.45 -1.62
CA ASN B 144 34.82 24.66 -1.21
C ASN B 144 35.68 25.56 -0.34
N GLY B 145 36.92 25.14 -0.05
CA GLY B 145 37.82 25.96 0.75
C GLY B 145 37.58 25.90 2.24
N ASP B 146 37.66 24.71 2.85
CA ASP B 146 37.60 24.59 4.29
C ASP B 146 39.02 24.44 4.85
N SER B 147 39.45 25.44 5.62
CA SER B 147 40.81 25.43 6.16
C SER B 147 41.17 24.11 6.80
N SER B 148 40.23 23.45 7.48
CA SER B 148 40.51 22.16 8.08
C SER B 148 40.72 21.09 7.01
N ALA B 149 39.72 20.89 6.14
CA ALA B 149 39.78 19.83 5.15
C ALA B 149 41.02 19.90 4.27
N LEU B 150 41.55 21.10 4.03
CA LEU B 150 42.72 21.23 3.16
C LEU B 150 43.88 20.39 3.65
N LEU B 151 43.98 20.15 4.95
CA LEU B 151 45.04 19.33 5.51
C LEU B 151 44.58 17.93 5.89
N ASN B 152 43.27 17.67 5.87
CA ASN B 152 42.71 16.37 6.23
C ASN B 152 41.50 16.09 5.35
N PRO B 153 41.72 15.79 4.07
CA PRO B 153 40.59 15.44 3.21
C PRO B 153 39.86 14.21 3.74
N SER B 154 38.65 14.00 3.22
CA SER B 154 37.81 12.91 3.68
C SER B 154 38.41 11.56 3.31
N LYS B 155 37.76 10.48 3.73
CA LYS B 155 38.22 9.14 3.44
C LYS B 155 37.41 8.45 2.34
N GLU B 156 36.54 9.19 1.66
CA GLU B 156 35.78 8.60 0.56
C GLU B 156 36.57 8.69 -0.75
N CYS B 157 37.29 9.79 -0.97
CA CYS B 157 38.10 9.95 -2.17
C CYS B 157 39.34 9.10 -2.03
N GLU B 158 39.15 7.80 -2.27
CA GLU B 158 40.20 6.79 -2.18
C GLU B 158 40.22 6.02 -3.49
N PRO B 159 41.36 5.43 -3.86
CA PRO B 159 42.62 5.42 -3.12
C PRO B 159 43.58 6.54 -3.53
N TYR B 160 43.02 7.68 -3.91
CA TYR B 160 43.80 8.86 -4.27
C TYR B 160 43.75 9.88 -3.14
N ARG B 161 43.74 9.40 -1.91
CA ARG B 161 43.59 10.24 -0.72
C ARG B 161 44.91 10.86 -0.25
N ARG B 162 45.93 10.04 -0.02
CA ARG B 162 47.21 10.55 0.46
C ARG B 162 48.34 9.84 -0.27
N ASN B 163 49.31 10.62 -0.74
CA ASN B 163 50.48 10.10 -1.41
C ASN B 163 51.72 10.70 -0.77
N GLU B 164 52.67 9.85 -0.41
CA GLU B 164 53.87 10.27 0.31
C GLU B 164 53.48 10.87 1.67
N ASP B 165 52.68 10.10 2.40
CA ASP B 165 52.15 10.49 3.71
C ASP B 165 51.80 11.97 3.75
N LYS B 166 51.00 12.39 2.78
CA LYS B 166 50.51 13.76 2.69
C LYS B 166 49.19 13.75 1.94
N PRO B 167 48.33 14.73 2.17
CA PRO B 167 47.05 14.78 1.45
C PRO B 167 47.21 15.45 0.09
N ILE B 168 46.57 14.87 -0.92
CA ILE B 168 46.56 15.50 -2.24
C ILE B 168 45.65 16.72 -2.19
N ALA B 169 46.03 17.76 -2.94
CA ALA B 169 45.26 19.00 -2.83
C ALA B 169 43.84 18.76 -3.35
N PRO B 170 43.64 18.51 -4.65
CA PRO B 170 42.35 17.96 -5.08
C PRO B 170 42.34 16.45 -4.96
N CYS B 171 41.61 15.89 -4.00
CA CYS B 171 41.59 14.44 -3.86
C CYS B 171 40.49 13.85 -4.73
N GLY B 172 40.46 12.53 -4.80
CA GLY B 172 39.43 11.85 -5.56
C GLY B 172 39.86 11.51 -6.97
N ALA B 173 39.19 10.54 -7.59
CA ALA B 173 39.58 10.11 -8.92
C ALA B 173 39.08 11.05 -10.01
N ILE B 174 38.17 11.97 -9.66
CA ILE B 174 37.64 12.88 -10.67
C ILE B 174 38.69 13.91 -11.07
N MET B 175 39.17 14.69 -10.10
CA MET B 175 40.15 15.73 -10.42
C MET B 175 41.48 15.12 -10.85
N ASN B 176 41.81 13.96 -10.29
CA ASN B 176 43.09 13.31 -10.63
C ASN B 176 43.22 13.09 -12.13
N SER B 177 42.17 12.60 -12.78
CA SER B 177 42.24 12.21 -14.19
C SER B 177 41.79 13.32 -15.12
N MET B 178 42.05 14.57 -14.77
CA MET B 178 41.61 15.70 -15.58
C MET B 178 42.13 15.56 -17.01
N PHE B 179 41.36 16.09 -17.95
CA PHE B 179 41.70 16.01 -19.36
C PHE B 179 42.73 17.09 -19.70
N ASN B 180 43.95 16.67 -20.00
CA ASN B 180 45.10 17.57 -20.10
C ASN B 180 45.64 17.62 -21.52
N ASP B 181 44.74 17.66 -22.50
CA ASP B 181 45.12 17.88 -23.89
C ASP B 181 45.03 19.37 -24.21
N THR B 182 45.78 19.79 -25.22
CA THR B 182 45.79 21.18 -25.66
C THR B 182 45.44 21.21 -27.14
N LEU B 183 44.29 21.80 -27.46
CA LEU B 183 43.83 21.95 -28.83
C LEU B 183 44.00 23.39 -29.26
N GLU B 184 44.47 23.59 -30.48
CA GLU B 184 44.71 24.93 -31.00
C GLU B 184 44.38 24.95 -32.48
N LEU B 185 43.61 25.95 -32.90
CA LEU B 185 43.22 26.09 -34.29
C LEU B 185 44.07 27.15 -34.98
N PHE B 186 44.36 26.92 -36.25
CA PHE B 186 45.11 27.87 -37.06
C PHE B 186 44.42 28.00 -38.41
N LEU B 187 44.10 29.23 -38.79
CA LEU B 187 43.45 29.50 -40.07
C LEU B 187 44.50 29.63 -41.16
N ILE B 188 44.35 28.82 -42.20
CA ILE B 188 45.25 28.85 -43.35
C ILE B 188 44.67 29.86 -44.35
N GLY B 189 45.28 31.05 -44.41
CA GLY B 189 44.83 32.08 -45.31
C GLY B 189 45.02 31.72 -46.76
N GLN B 190 44.92 32.74 -47.63
CA GLN B 190 45.15 32.50 -49.06
C GLN B 190 46.46 31.77 -49.30
N ASP B 191 47.50 32.10 -48.53
CA ASP B 191 48.79 31.45 -48.65
C ASP B 191 48.94 30.40 -47.55
N SER B 192 50.13 29.80 -47.45
CA SER B 192 50.37 28.75 -46.48
C SER B 192 50.61 29.27 -45.07
N TYR B 193 50.69 30.59 -44.89
CA TYR B 193 50.90 31.14 -43.57
C TYR B 193 49.70 30.83 -42.67
N PRO B 194 49.85 29.98 -41.65
CA PRO B 194 48.73 29.70 -40.76
C PRO B 194 48.39 30.90 -39.88
N ILE B 195 47.12 31.21 -39.75
CA ILE B 195 46.64 32.35 -38.97
C ILE B 195 46.00 31.81 -37.70
N PRO B 196 46.44 32.22 -36.52
CA PRO B 196 45.83 31.75 -35.27
C PRO B 196 44.48 32.43 -35.03
N ILE B 197 43.65 31.74 -34.24
CA ILE B 197 42.33 32.23 -33.88
C ILE B 197 42.31 32.52 -32.39
N ALA B 198 41.49 33.49 -31.98
CA ALA B 198 41.43 33.93 -30.60
C ALA B 198 40.51 33.01 -29.81
N LEU B 199 41.07 32.29 -28.85
CA LEU B 199 40.32 31.42 -27.96
C LEU B 199 40.44 31.93 -26.54
N LYS B 200 39.30 32.28 -25.93
CA LYS B 200 39.27 32.75 -24.55
C LYS B 200 38.75 31.65 -23.64
N LYS B 201 39.43 31.47 -22.51
CA LYS B 201 39.09 30.40 -21.57
C LYS B 201 38.01 30.81 -20.57
N LYS B 202 37.89 32.09 -20.26
CA LYS B 202 36.98 32.56 -19.23
C LYS B 202 35.54 32.54 -19.76
N GLY B 203 34.63 32.07 -18.92
CA GLY B 203 33.23 31.96 -19.29
C GLY B 203 32.78 30.58 -19.73
N ILE B 204 33.50 29.52 -19.34
CA ILE B 204 33.12 28.16 -19.72
C ILE B 204 32.49 27.38 -18.59
N ALA B 205 32.77 27.74 -17.33
CA ALA B 205 32.25 27.03 -16.17
C ALA B 205 31.08 27.79 -15.59
N TRP B 206 30.10 27.04 -15.07
CA TRP B 206 28.94 27.62 -14.43
C TRP B 206 29.35 28.78 -13.52
N TRP B 207 28.59 29.88 -13.60
CA TRP B 207 28.92 31.04 -12.77
C TRP B 207 28.70 30.73 -11.30
N THR B 208 27.59 30.05 -11.00
CA THR B 208 27.17 29.70 -9.61
C THR B 208 28.34 29.12 -8.81
N ASP B 209 28.90 28.04 -9.36
CA ASP B 209 30.01 27.20 -8.82
C ASP B 209 31.36 27.92 -8.78
N LYS B 210 31.85 28.40 -9.92
CA LYS B 210 33.19 29.03 -9.93
C LYS B 210 33.21 30.23 -8.97
N ASN B 211 32.18 31.06 -9.02
CA ASN B 211 32.08 32.24 -8.13
C ASN B 211 31.91 31.82 -6.66
N VAL B 212 31.18 30.72 -6.40
CA VAL B 212 30.90 30.36 -4.97
C VAL B 212 31.32 28.92 -4.63
N LYS B 213 30.74 27.92 -5.31
CA LYS B 213 31.02 26.53 -4.93
C LYS B 213 32.51 26.21 -4.92
N PHE B 214 33.30 26.83 -5.80
CA PHE B 214 34.74 26.58 -5.88
C PHE B 214 35.47 27.85 -5.46
N ARG B 215 36.06 27.83 -4.27
CA ARG B 215 36.86 28.93 -3.76
C ARG B 215 38.20 28.41 -3.26
N ASN B 216 39.22 29.23 -3.39
CA ASN B 216 40.56 28.90 -2.92
C ASN B 216 40.60 28.94 -1.40
N PRO B 217 41.55 28.23 -0.79
CA PRO B 217 41.68 28.26 0.67
C PRO B 217 41.79 29.68 1.18
N PRO B 218 41.31 29.95 2.39
CA PRO B 218 41.30 31.33 2.88
C PRO B 218 42.62 31.79 3.46
N GLY B 219 43.43 30.84 3.94
CA GLY B 219 44.66 31.18 4.62
C GLY B 219 45.56 32.03 3.74
N GLY B 220 45.73 33.31 4.09
CA GLY B 220 46.64 34.18 3.39
C GLY B 220 46.11 34.64 2.05
N ASP B 221 47.00 35.29 1.30
CA ASP B 221 46.70 35.77 -0.04
C ASP B 221 47.45 35.02 -1.13
N ASN B 222 48.75 34.83 -0.98
CA ASN B 222 49.53 34.11 -1.98
C ASN B 222 49.17 32.63 -1.98
N LEU B 223 49.09 32.04 -3.16
CA LEU B 223 48.58 30.68 -3.32
C LEU B 223 49.57 29.62 -2.87
N GLU B 224 50.83 29.70 -3.30
CA GLU B 224 51.80 28.66 -2.98
C GLU B 224 51.94 28.43 -1.48
N GLU B 225 51.62 29.44 -0.66
CA GLU B 225 51.69 29.29 0.79
C GLU B 225 50.37 28.81 1.39
N ARG B 226 49.29 28.80 0.61
CA ARG B 226 48.03 28.24 1.11
C ARG B 226 48.07 26.71 1.10
N PHE B 227 48.72 26.12 0.09
CA PHE B 227 48.92 24.68 0.01
C PHE B 227 50.31 24.37 0.55
N LYS B 228 50.39 24.14 1.85
CA LYS B 228 51.65 23.82 2.51
C LYS B 228 51.81 22.34 2.79
N GLY B 229 50.74 21.68 3.24
CA GLY B 229 50.77 20.24 3.45
C GLY B 229 50.02 19.50 2.36
N THR B 230 50.20 19.95 1.11
CA THR B 230 49.47 19.41 -0.02
C THR B 230 50.45 18.76 -1.00
N THR B 231 49.89 18.00 -1.94
CA THR B 231 50.65 17.35 -2.97
C THR B 231 49.81 17.21 -4.23
N LYS B 232 50.37 17.62 -5.36
CA LYS B 232 49.67 17.51 -6.63
C LYS B 232 49.15 16.08 -6.82
N PRO B 233 48.07 15.91 -7.58
CA PRO B 233 47.54 14.57 -7.80
C PRO B 233 48.58 13.63 -8.41
N VAL B 234 48.34 12.32 -8.31
CA VAL B 234 49.34 11.36 -8.79
C VAL B 234 49.51 11.48 -10.29
N ASN B 235 48.42 11.35 -11.05
CA ASN B 235 48.51 11.42 -12.51
C ASN B 235 48.82 12.83 -13.00
N TRP B 236 48.43 13.85 -12.25
CA TRP B 236 48.74 15.23 -12.62
C TRP B 236 50.24 15.42 -12.77
N LEU B 237 50.66 16.51 -13.44
CA LEU B 237 52.07 16.79 -13.65
C LEU B 237 52.52 18.12 -13.08
N LYS B 238 51.61 18.99 -12.67
CA LYS B 238 51.96 20.26 -12.06
C LYS B 238 50.97 20.58 -10.94
N PRO B 239 51.46 21.08 -9.81
CA PRO B 239 50.57 21.37 -8.68
C PRO B 239 49.43 22.29 -9.08
N VAL B 240 48.45 22.40 -8.19
CA VAL B 240 47.25 23.19 -8.47
C VAL B 240 47.51 24.69 -8.43
N TYR B 241 48.56 25.14 -7.76
CA TYR B 241 48.88 26.55 -7.68
C TYR B 241 49.67 27.05 -8.89
N MET B 242 49.77 26.23 -9.93
CA MET B 242 50.47 26.60 -11.16
C MET B 242 49.66 26.30 -12.42
N LEU B 243 48.38 25.92 -12.27
CA LEU B 243 47.55 25.67 -13.45
C LEU B 243 47.60 26.85 -14.41
N ASP B 244 47.30 28.05 -13.92
CA ASP B 244 47.41 29.25 -14.71
C ASP B 244 47.83 30.40 -13.81
N SER B 245 48.72 31.24 -14.31
CA SER B 245 49.27 32.34 -13.52
C SER B 245 48.25 33.45 -13.28
N ASP B 246 47.26 33.58 -14.15
CA ASP B 246 46.21 34.56 -13.96
C ASP B 246 45.71 34.52 -12.52
N PRO B 247 45.67 35.64 -11.80
CA PRO B 247 45.31 35.59 -10.37
C PRO B 247 43.90 35.11 -10.11
N ASP B 248 43.00 35.19 -11.09
CA ASP B 248 41.60 34.79 -10.90
C ASP B 248 41.29 33.44 -11.51
N ASN B 249 42.29 32.73 -12.03
CA ASN B 249 42.10 31.44 -12.67
C ASN B 249 43.23 30.49 -12.28
N ASN B 250 43.57 30.45 -11.00
CA ASN B 250 44.81 29.83 -10.55
C ASN B 250 44.63 28.52 -9.78
N GLY B 251 43.61 28.41 -8.93
CA GLY B 251 43.49 27.20 -8.14
C GLY B 251 42.10 26.89 -7.63
N PHE B 252 41.64 25.66 -7.87
CA PHE B 252 40.34 25.19 -7.41
C PHE B 252 39.21 25.91 -8.12
N ILE B 253 39.55 26.87 -8.99
CA ILE B 253 38.57 27.57 -9.81
C ILE B 253 38.99 27.64 -11.28
N ASN B 254 40.07 26.96 -11.66
CA ASN B 254 40.47 26.93 -13.06
C ASN B 254 39.32 26.41 -13.92
N GLU B 255 38.84 27.28 -14.82
CA GLU B 255 37.65 26.98 -15.61
C GLU B 255 37.65 25.56 -16.15
N ASP B 256 38.72 25.14 -16.81
CA ASP B 256 38.79 23.76 -17.30
C ASP B 256 38.68 22.77 -16.15
N PHE B 257 39.37 23.04 -15.05
CA PHE B 257 39.29 22.15 -13.89
C PHE B 257 37.86 22.00 -13.41
N ILE B 258 37.14 23.12 -13.30
CA ILE B 258 35.73 23.05 -12.90
C ILE B 258 34.92 22.26 -13.90
N VAL B 259 34.93 22.65 -15.17
CA VAL B 259 34.12 21.96 -16.17
C VAL B 259 34.46 20.48 -16.21
N TRP B 260 35.62 20.08 -15.72
CA TRP B 260 35.89 18.64 -15.61
C TRP B 260 35.32 18.06 -14.32
N MET B 261 35.33 18.84 -13.23
CA MET B 261 34.81 18.33 -11.96
C MET B 261 33.29 18.20 -11.99
N ARG B 262 32.67 18.63 -13.07
CA ARG B 262 31.22 18.39 -13.23
C ARG B 262 31.20 17.07 -13.96
N THR B 263 30.40 16.09 -13.55
CA THR B 263 30.38 14.79 -14.19
C THR B 263 29.58 14.82 -15.49
N ALA B 264 29.58 13.69 -16.19
CA ALA B 264 29.13 13.63 -17.57
C ALA B 264 27.69 13.21 -17.74
N ALA B 265 27.20 12.28 -16.93
CA ALA B 265 25.84 11.76 -16.96
C ALA B 265 25.62 10.74 -18.07
N LEU B 266 26.65 10.35 -18.82
CA LEU B 266 26.49 9.37 -19.89
C LEU B 266 27.87 8.88 -20.28
N PRO B 267 27.95 7.72 -20.95
CA PRO B 267 29.25 7.22 -21.42
C PRO B 267 29.88 8.06 -22.52
N THR B 268 29.14 8.99 -23.12
CA THR B 268 29.66 9.83 -24.19
C THR B 268 29.23 11.27 -23.90
N PHE B 269 30.19 12.10 -23.51
CA PHE B 269 29.89 13.47 -23.09
C PHE B 269 30.72 14.44 -23.93
N ARG B 270 30.49 15.72 -23.68
CA ARG B 270 31.10 16.80 -24.43
C ARG B 270 31.22 18.02 -23.55
N LYS B 271 32.45 18.31 -23.11
CA LYS B 271 32.71 19.34 -22.12
C LYS B 271 33.20 20.60 -22.82
N LEU B 272 32.58 21.73 -22.50
CA LEU B 272 33.00 23.00 -23.08
C LEU B 272 34.48 23.21 -22.87
N TYR B 273 35.16 23.69 -23.91
CA TYR B 273 36.62 23.86 -23.87
C TYR B 273 37.04 25.31 -24.04
N ARG B 274 36.51 26.01 -25.04
CA ARG B 274 36.86 27.40 -25.28
C ARG B 274 35.70 28.10 -25.97
N LEU B 275 35.64 29.41 -25.79
CA LEU B 275 34.61 30.25 -26.41
C LEU B 275 35.30 31.18 -27.40
N ILE B 276 34.88 31.12 -28.66
CA ILE B 276 35.38 32.03 -29.68
C ILE B 276 34.35 33.14 -29.86
N GLU B 277 34.75 34.38 -29.62
CA GLU B 277 33.83 35.50 -29.64
C GLU B 277 33.64 36.02 -31.06
N ARG B 278 32.40 36.35 -31.39
CA ARG B 278 32.10 36.89 -32.71
C ARG B 278 32.78 38.23 -32.90
N LYS B 279 33.36 38.42 -34.08
CA LYS B 279 34.10 39.63 -34.39
C LYS B 279 33.18 40.84 -34.38
N SER B 280 33.76 42.02 -34.17
CA SER B 280 33.00 43.26 -34.28
C SER B 280 32.43 43.42 -35.69
N ASP B 281 33.28 43.20 -36.69
CA ASP B 281 32.82 43.25 -38.08
C ASP B 281 31.77 42.17 -38.33
N LEU B 282 31.13 42.26 -39.49
CA LEU B 282 30.12 41.29 -39.90
C LEU B 282 30.73 40.03 -40.52
N HIS B 283 32.06 39.92 -40.54
CA HIS B 283 32.69 38.73 -41.08
C HIS B 283 32.39 37.52 -40.19
N PRO B 284 32.45 36.32 -40.75
CA PRO B 284 32.15 35.12 -39.97
C PRO B 284 33.22 34.88 -38.92
N THR B 285 32.79 34.47 -37.72
CA THR B 285 33.74 34.17 -36.66
C THR B 285 34.77 33.15 -37.12
N LEU B 286 34.35 32.19 -37.93
CA LEU B 286 35.25 31.18 -38.50
C LEU B 286 34.98 31.12 -40.01
N PRO B 287 35.66 31.96 -40.79
CA PRO B 287 35.43 31.97 -42.23
C PRO B 287 35.64 30.58 -42.84
N ALA B 288 34.95 30.35 -43.96
CA ALA B 288 35.03 29.06 -44.63
C ALA B 288 36.42 28.87 -45.25
N GLY B 289 36.83 27.60 -45.33
CA GLY B 289 38.11 27.25 -45.90
C GLY B 289 38.73 26.09 -45.14
N ARG B 290 40.05 26.01 -45.20
CA ARG B 290 40.80 24.94 -44.55
C ARG B 290 41.41 25.46 -43.26
N TYR B 291 41.68 24.55 -42.33
CA TYR B 291 42.25 24.89 -41.03
C TYR B 291 43.26 23.83 -40.61
N TRP B 292 43.97 24.12 -39.52
CA TRP B 292 44.88 23.17 -38.89
C TRP B 292 44.39 22.92 -37.47
N LEU B 293 44.43 21.67 -37.04
CA LEU B 293 44.07 21.30 -35.66
C LEU B 293 45.33 20.76 -34.99
N ASN B 294 46.15 21.67 -34.47
CA ASN B 294 47.38 21.30 -33.78
C ASN B 294 47.03 20.87 -32.36
N VAL B 295 47.18 19.58 -32.07
CA VAL B 295 46.82 19.02 -30.78
C VAL B 295 48.07 18.47 -30.11
N THR B 296 48.18 18.71 -28.81
CA THR B 296 49.34 18.21 -28.02
C THR B 296 48.86 16.95 -27.31
N TYR B 297 48.87 15.81 -28.02
CA TYR B 297 48.32 14.56 -27.45
C TYR B 297 49.01 14.25 -26.13
N ASN B 298 48.20 14.00 -25.11
CA ASN B 298 48.64 13.72 -23.72
C ASN B 298 47.64 12.75 -23.11
N TYR B 299 46.36 13.12 -23.11
CA TYR B 299 45.37 12.24 -22.51
C TYR B 299 45.18 11.00 -23.36
N PRO B 300 45.66 9.82 -22.93
CA PRO B 300 45.48 8.62 -23.75
C PRO B 300 44.16 7.92 -23.51
N VAL B 301 43.37 7.72 -24.56
CA VAL B 301 42.06 7.07 -24.42
C VAL B 301 41.95 5.89 -25.38
N HIS B 302 43.08 5.30 -25.75
CA HIS B 302 43.02 4.08 -26.55
C HIS B 302 42.92 2.84 -25.68
N TYR B 303 43.35 2.93 -24.42
CA TYR B 303 43.29 1.77 -23.52
C TYR B 303 41.88 1.23 -23.40
N PHE B 304 40.92 2.10 -23.08
CA PHE B 304 39.55 1.69 -22.80
C PHE B 304 38.66 1.85 -24.02
N ASP B 305 39.23 1.68 -25.22
CA ASP B 305 38.49 1.75 -26.47
C ASP B 305 37.65 3.03 -26.54
N GLY B 306 38.26 4.13 -26.10
CA GLY B 306 37.61 5.42 -26.15
C GLY B 306 38.08 6.23 -27.35
N ARG B 307 37.35 7.32 -27.61
CA ARG B 307 37.66 8.20 -28.73
C ARG B 307 37.48 9.64 -28.29
N LYS B 308 38.48 10.46 -28.60
CA LYS B 308 38.40 11.91 -28.37
C LYS B 308 38.01 12.59 -29.67
N ARG B 309 37.57 13.84 -29.58
CA ARG B 309 37.19 14.59 -30.76
C ARG B 309 36.87 16.02 -30.36
N MET B 310 36.92 16.92 -31.35
CA MET B 310 36.69 18.34 -31.17
C MET B 310 35.43 18.73 -31.92
N ILE B 311 34.46 19.29 -31.22
CA ILE B 311 33.19 19.70 -31.80
C ILE B 311 33.17 21.23 -31.84
N LEU B 312 33.17 21.78 -33.05
CA LEU B 312 33.02 23.21 -33.26
C LEU B 312 31.59 23.48 -33.68
N SER B 313 30.86 24.22 -32.85
CA SER B 313 29.44 24.45 -33.10
C SER B 313 29.07 25.85 -32.65
N THR B 314 28.05 26.41 -33.29
CA THR B 314 27.43 27.65 -32.88
C THR B 314 26.27 27.35 -31.93
N ILE B 315 25.60 28.41 -31.48
CA ILE B 315 24.52 28.27 -30.51
C ILE B 315 23.38 29.19 -30.92
N SER B 316 22.17 28.78 -30.56
CA SER B 316 20.95 29.52 -30.88
C SER B 316 20.18 29.75 -29.59
N TRP B 317 18.96 30.26 -29.72
CA TRP B 317 18.17 30.61 -28.55
C TRP B 317 17.84 29.41 -27.68
N MET B 318 17.74 28.22 -28.26
CA MET B 318 17.33 27.03 -27.51
C MET B 318 18.47 26.06 -27.24
N GLY B 319 19.69 26.35 -27.69
CA GLY B 319 20.80 25.46 -27.45
C GLY B 319 21.40 24.88 -28.73
N GLY B 320 22.32 23.95 -28.58
CA GLY B 320 23.03 23.40 -29.73
C GLY B 320 22.14 22.69 -30.72
N LYS B 321 22.73 22.05 -31.71
CA LYS B 321 22.01 21.37 -32.77
C LYS B 321 21.49 20.05 -32.23
N ASN B 322 20.17 19.91 -32.18
CA ASN B 322 19.54 18.67 -31.71
C ASN B 322 18.17 18.53 -32.37
N PRO B 323 17.98 17.52 -33.22
CA PRO B 323 16.71 17.42 -33.97
C PRO B 323 15.57 16.82 -33.17
N PHE B 324 15.87 16.08 -32.09
CA PHE B 324 14.82 15.34 -31.39
C PHE B 324 13.60 16.22 -31.11
N LEU B 325 13.78 17.29 -30.34
CA LEU B 325 12.66 18.09 -29.89
C LEU B 325 11.70 18.45 -31.03
N GLY B 326 12.25 18.85 -32.18
CA GLY B 326 11.39 19.17 -33.31
C GLY B 326 10.54 17.99 -33.75
N ILE B 327 11.18 16.85 -33.97
CA ILE B 327 10.46 15.66 -34.43
C ILE B 327 9.42 15.23 -33.40
N ALA B 328 9.75 15.28 -32.12
CA ALA B 328 8.80 14.92 -31.08
C ALA B 328 7.60 15.85 -31.03
N TYR B 329 7.82 17.16 -31.07
CA TYR B 329 6.69 18.09 -31.11
C TYR B 329 5.83 17.89 -32.35
N ILE B 330 6.45 17.67 -33.51
CA ILE B 330 5.67 17.47 -34.73
C ILE B 330 4.84 16.19 -34.63
N ALA B 331 5.46 15.11 -34.17
CA ALA B 331 4.74 13.84 -34.05
C ALA B 331 3.59 13.96 -33.07
N VAL B 332 3.81 14.60 -31.92
CA VAL B 332 2.73 14.79 -30.96
C VAL B 332 1.60 15.65 -31.51
N GLY B 333 1.92 16.81 -32.09
CA GLY B 333 0.87 17.61 -32.71
C GLY B 333 0.08 16.88 -33.76
N SER B 334 0.75 16.13 -34.65
CA SER B 334 0.05 15.41 -35.70
C SER B 334 -0.79 14.26 -35.18
N ILE B 335 -0.27 13.48 -34.23
CA ILE B 335 -1.04 12.36 -33.69
C ILE B 335 -2.11 12.84 -32.73
N SER B 336 -2.08 14.11 -32.34
CA SER B 336 -3.19 14.70 -31.62
C SER B 336 -4.27 15.21 -32.57
N PHE B 337 -3.88 15.95 -33.61
CA PHE B 337 -4.85 16.42 -34.60
C PHE B 337 -5.57 15.27 -35.29
N LEU B 338 -4.84 14.25 -35.75
CA LEU B 338 -5.46 13.14 -36.45
C LEU B 338 -6.42 12.38 -35.55
N LEU B 339 -6.00 12.06 -34.32
CA LEU B 339 -6.87 11.36 -33.39
C LEU B 339 -8.09 12.20 -33.05
N GLY B 340 -7.91 13.51 -32.87
CA GLY B 340 -9.05 14.38 -32.62
C GLY B 340 -10.06 14.35 -33.75
N VAL B 341 -9.57 14.42 -34.99
CA VAL B 341 -10.47 14.37 -36.13
C VAL B 341 -11.19 13.03 -36.20
N VAL B 342 -10.46 11.94 -35.96
CA VAL B 342 -11.07 10.60 -36.01
C VAL B 342 -12.19 10.49 -34.98
N LEU B 343 -11.89 10.85 -33.74
CA LEU B 343 -12.91 10.80 -32.70
C LEU B 343 -14.06 11.77 -32.95
N LEU B 344 -13.78 12.94 -33.52
CA LEU B 344 -14.85 13.88 -33.84
C LEU B 344 -15.80 13.31 -34.88
N VAL B 345 -15.23 12.72 -35.93
CA VAL B 345 -16.05 12.09 -37.01
C VAL B 345 -16.95 11.03 -36.38
N ILE B 346 -16.34 10.06 -35.69
CA ILE B 346 -17.10 8.93 -35.06
C ILE B 346 -18.05 9.47 -33.99
N ASN B 347 -17.62 10.43 -33.18
CA ASN B 347 -18.50 10.96 -32.10
C ASN B 347 -19.76 11.59 -32.70
N HIS B 348 -19.61 12.32 -33.81
CA HIS B 348 -20.76 12.93 -34.52
C HIS B 348 -21.67 11.84 -35.08
N LYS B 349 -21.06 10.73 -35.54
CA LYS B 349 -21.75 9.55 -36.14
C LYS B 349 -22.62 8.80 -35.11
N TYR B 350 -22.33 8.93 -33.81
CA TYR B 350 -23.10 8.24 -32.74
C TYR B 350 -23.09 6.74 -33.02
AL ALF C . -33.16 -13.41 17.62
F1 ALF C . -31.59 -14.15 18.09
F2 ALF C . -34.72 -12.66 17.14
F3 ALF C . -33.71 -14.97 16.95
F4 ALF C . -32.62 -11.84 18.31
C25 PEE D . -4.19 6.83 13.95
C24 PEE D . -3.83 8.28 13.69
C23 PEE D . -2.47 8.48 13.06
C22 PEE D . -2.08 9.92 12.86
C21 PEE D . -0.68 10.11 12.32
C20 PEE D . 0.38 9.38 13.09
C19 PEE D . 1.79 9.69 12.67
C18 PEE D . 2.84 8.89 13.42
C17 PEE D . 4.25 9.40 13.27
C16 PEE D . 4.87 9.21 11.91
C15 PEE D . 6.34 9.54 11.86
C14 PEE D . 7.01 9.36 10.51
C13 PEE D . 8.49 9.62 10.55
C12 PEE D . 9.19 9.61 9.19
C11 PEE D . 9.16 8.26 8.52
C10 PEE D . 8.15 8.17 7.43
O4 PEE D . 7.30 8.99 7.19
O2 PEE D . 8.35 7.08 6.66
C2 PEE D . 7.99 7.13 5.25
C1 PEE D . 8.86 6.11 4.56
O3P PEE D . 8.72 6.24 3.11
P PEE D . 9.61 5.29 2.16
O2P PEE D . 11.02 5.26 2.70
O1P PEE D . 9.36 5.69 0.73
O4P PEE D . 8.96 3.84 2.38
C4 PEE D . 9.46 2.72 1.62
C5 PEE D . 10.91 2.47 1.96
N PEE D . 11.46 1.30 1.24
C3 PEE D . 6.51 6.88 5.06
O3 PEE D . 5.78 8.08 5.36
C30 PEE D . 4.48 8.04 5.13
O5 PEE D . 3.91 7.06 4.70
C31 PEE D . 3.81 9.35 5.46
C32 PEE D . 3.12 9.98 4.29
C33 PEE D . 2.51 11.34 4.63
C34 PEE D . 3.49 12.34 5.17
C35 PEE D . 2.90 13.69 5.48
C36 PEE D . 3.84 14.62 6.20
C37 PEE D . 3.19 15.89 6.70
C38 PEE D . 3.05 16.99 5.67
C39 PEE D . 4.36 17.61 5.25
C40 PEE D . 4.27 19.08 4.93
C41 PEE D . 3.55 19.40 3.64
C42 PEE D . 3.06 20.83 3.57
C43 PEE D . 2.77 21.34 2.18
C44 PEE D . 2.01 22.64 2.15
C45 PEE D . 2.13 23.41 0.85
C46 PEE D . 3.49 24.01 0.62
C47 PEE D . 3.58 24.90 -0.59
H7 PEE D . 6.21 6.15 5.67
H8 PEE D . 6.33 6.60 4.13
H82 PEE D . 4.48 25.26 -0.67
H5 PEE D . 12.33 1.18 1.46
H6 PEE D . 11.40 1.43 0.35
H12 PEE D . 11.00 2.33 2.92
H4 PEE D . 10.99 0.56 1.47
H10 PEE D . 9.37 2.89 0.66
H11 PEE D . 11.42 3.27 1.73
H9 PEE D . 8.94 1.91 1.84
H2 PEE D . 9.80 6.25 4.82
H3 PEE D . 8.60 5.21 4.83
H14 PEE D . 8.96 7.58 9.20
H1 PEE D . 8.21 8.04 4.89
H16 PEE D . 10.13 9.88 9.32
H13 PEE D . 10.04 8.07 8.16
H18 PEE D . 8.91 8.94 11.12
H20 PEE D . 6.58 9.98 9.86
H22 PEE D . 6.81 8.98 12.51
H19 PEE D . 6.85 8.44 10.20
H21 PEE D . 6.45 10.47 12.14
H28 PEE D . 2.81 7.96 13.10
H23 PEE D . 4.74 8.27 11.63
H24 PEE D . 4.39 9.77 11.26
H25 PEE D . 4.27 10.35 13.48
H26 PEE D . 4.82 8.94 13.93
H17 PEE D . 8.64 10.50 10.96
H27 PEE D . 2.61 8.88 14.37
H15 PEE D . 8.76 10.26 8.61
H29 PEE D . 1.88 9.51 11.71
H30 PEE D . 1.97 10.64 12.82
H31 PEE D . 0.29 9.59 14.05
H32 PEE D . 0.23 8.41 12.99
H33 PEE D . -0.65 9.82 11.39
H34 PEE D . -0.47 11.08 12.34
H35 PEE D . -2.72 10.34 12.24
H36 PEE D . -2.15 10.39 13.72
H37 PEE D . -1.79 8.04 13.62
H38 PEE D . -2.46 8.03 12.18
H39 PEE D . -4.50 8.67 13.10
H40 PEE D . -3.85 8.77 14.54
H41 PEE D . -5.15 6.77 14.09
H48 PEE D . 4.49 9.97 5.80
H49 PEE D . 3.15 9.21 6.17
H50 PEE D . 2.41 9.39 3.97
H51 PEE D . 3.76 10.10 3.56
H52 PEE D . 1.80 11.20 5.28
H53 PEE D . 2.10 11.70 3.81
H54 PEE D . 4.22 12.45 4.53
H55 PEE D . 3.88 11.97 6.00
H56 PEE D . 2.09 13.57 6.02
H57 PEE D . 2.64 14.11 4.62
H58 PEE D . 4.57 14.87 5.59
H59 PEE D . 4.23 14.15 6.96
H60 PEE D . 2.30 15.66 7.04
H81 PEE D . 3.37 24.38 -1.38
H61 PEE D . 3.71 16.23 7.45
H80 PEE D . 2.95 25.63 -0.50
H62 PEE D . 2.47 17.69 6.04
H63 PEE D . 2.60 16.63 4.88
H64 PEE D . 4.69 17.13 4.47
H65 PEE D . 5.01 17.49 5.98
H66 PEE D . 5.19 19.44 4.88
H67 PEE D . 3.81 19.54 5.66
H68 PEE D . 2.79 18.80 3.54
H69 PEE D . 4.16 19.25 2.89
H70 PEE D . 3.74 21.41 3.98
H71 PEE D . 2.24 20.91 4.11
H72 PEE D . 3.62 21.46 1.70
H73 PEE D . 2.25 20.65 1.69
H74 PEE D . 2.34 23.20 2.88
H75 PEE D . 1.06 22.46 2.31
H42 PEE D . -3.95 6.30 13.16
H76 PEE D . 1.47 24.13 0.85
H77 PEE D . 1.93 22.81 0.11
H78 PEE D . 4.15 23.28 0.53
H79 PEE D . 3.75 24.54 1.42
C1 NAG E . 47.85 13.78 -18.62
C2 NAG E . 49.32 13.59 -18.24
C3 NAG E . 49.74 12.12 -18.32
C4 NAG E . 48.76 11.26 -17.55
C5 NAG E . 47.35 11.51 -18.05
C6 NAG E . 46.33 10.66 -17.32
C7 NAG E . 50.44 15.63 -18.92
C8 NAG E . 50.27 16.10 -17.51
N2 NAG E . 50.18 14.35 -19.14
O3 NAG E . 51.04 11.96 -17.78
O4 NAG E . 49.08 9.88 -17.74
O5 NAG E . 47.02 12.89 -17.87
O6 NAG E . 46.23 11.10 -15.95
O7 NAG E . 50.81 16.38 -19.81
C1 NAG F . 50.44 8.92 -17.49
C2 NAG F . 49.92 7.65 -16.81
C3 NAG F . 50.20 7.64 -15.32
C4 NAG F . 51.41 8.49 -15.08
C5 NAG F . 51.04 9.93 -15.37
C6 NAG F . 52.33 10.74 -15.30
C7 NAG F . 48.15 7.30 -18.36
C8 NAG F . 47.18 6.19 -18.58
N2 NAG F . 48.52 7.48 -17.11
O3 NAG F . 50.49 6.31 -14.90
O4 NAG F . 51.82 8.38 -13.72
O5 NAG F . 50.47 10.08 -16.66
O6 NAG F . 53.33 10.03 -16.03
O7 NAG F . 48.58 7.98 -19.27
C1 MAN G . 53.33 7.66 -13.03
C2 MAN G . 53.76 6.77 -11.87
C3 MAN G . 54.25 5.42 -12.37
C4 MAN G . 54.94 5.63 -13.70
C5 MAN G . 53.96 6.15 -14.74
C6 MAN G . 53.38 5.01 -15.56
O2 MAN G . 52.65 6.59 -10.99
O3 MAN G . 53.14 4.57 -12.60
O4 MAN G . 56.02 6.57 -13.50
O5 MAN G . 52.88 6.86 -14.11
O6 MAN G . 54.13 4.83 -16.76
C1 NAG H . 50.74 23.82 -34.91
C2 NAG H . 52.19 23.73 -34.34
C3 NAG H . 53.30 23.84 -35.36
C4 NAG H . 52.97 22.79 -36.40
C5 NAG H . 51.69 23.25 -37.10
C6 NAG H . 51.36 22.40 -38.32
C7 NAG H . 52.62 23.84 -32.00
C8 NAG H . 52.74 22.36 -32.15
N2 NAG H . 52.44 24.50 -33.14
O3 NAG H . 54.53 23.52 -34.72
O4 NAG H . 54.06 22.64 -37.32
O5 NAG H . 50.59 23.18 -36.19
O6 NAG H . 51.10 21.05 -37.90
O7 NAG H . 52.68 24.38 -30.91
C1 NAG I . 47.38 18.54 -43.83
C2 NAG I . 48.06 17.27 -44.33
C3 NAG I . 48.03 17.25 -45.85
C4 NAG I . 48.81 18.43 -46.41
C5 NAG I . 48.93 19.53 -45.37
C6 NAG I . 49.28 20.87 -46.01
C7 NAG I . 49.73 16.65 -42.69
C8 NAG I . 51.05 17.05 -42.10
N2 NAG I . 49.43 17.21 -43.85
O3 NAG I . 46.67 17.30 -46.31
O5 NAG I . 47.70 19.67 -44.64
O6 NAG I . 50.42 20.70 -46.86
O7 NAG I . 48.99 15.86 -42.13
#